data_2WB7
#
_entry.id   2WB7
#
_cell.length_a   133.150
_cell.length_b   133.150
_cell.length_c   164.210
_cell.angle_alpha   90.00
_cell.angle_beta   90.00
_cell.angle_gamma   120.00
#
_symmetry.space_group_name_H-M   'P 65'
#
loop_
_entity.id
_entity.type
_entity.pdbx_description
1 polymer PT26-6P
2 water water
#
_entity_poly.entity_id   1
_entity_poly.type   'polypeptide(L)'
_entity_poly.pdbx_seq_one_letter_code
;(MSE)NATINDDDIDDVKKALDHATQAAHKAAAELTAKLRSDFVEYGNGGTAGQVLIHIYGPGLIYGFSAFPVQIRLEIP
NQPVPFNKVHITEVTAYVIDENNRTYWTRVWNSSTFRQGGYIADTLDLVTV(MSE)KAPDPLVYQIRDAIVTGQISRELY
DKIWNTSTTHFEIRVIVKGYQEAWKTDSSVSNQSSCPSDGHWYEDACWVHDKDIDFTLKAETTTAWGHVTGTNDVATIDG
G(MSE)LGSLPIKFLQSLDLSGKWVLYQNKYAGALSDFIIITAASPVHVLNSTA(MSE)YKFLITPNPGYFQPANPKISD
EYRFVTLRVIEGGR(MSE)ELADTTTGHIGDLTEPTFFGLTAHYTDAPGTLDYHALGLVYAYVERDDGVKIPIWLAAEP
(MSE)ISVLSNTYTV(MSE)KDQDVKNLIDLYKKKDREKINATTKA(MSE)INSLQEKIDEAEQLLAKAKG(MSE)NNEN
AIEYAQGAIDEYKAAINDLQKAAQQDDYQ(MSE)FLNYLNAAKKHE(MSE)AGDYYVNAARKALNGDLEQAKIDAEKAKE
YSNLAKEYEPG
;
_entity_poly.pdbx_strand_id   A,B
#
# COMPACT_ATOMS: atom_id res chain seq x y z
N MSE A 1 -13.79 -0.88 -30.41
CA MSE A 1 -15.21 -0.49 -30.17
C MSE A 1 -15.45 1.00 -30.45
O MSE A 1 -14.71 1.62 -31.22
CB MSE A 1 -15.64 -0.87 -28.75
CG MSE A 1 -16.29 -2.27 -28.61
SE MSE A 1 -15.17 -3.84 -29.02
CE MSE A 1 -13.88 -3.82 -27.54
N ASN A 2 -16.45 1.60 -29.80
CA ASN A 2 -16.99 2.90 -30.23
C ASN A 2 -16.53 4.15 -29.46
N ALA A 3 -16.90 5.30 -29.99
CA ALA A 3 -16.63 6.57 -29.34
C ALA A 3 -17.83 6.99 -28.53
N THR A 4 -19.00 6.67 -29.05
CA THR A 4 -20.19 7.29 -28.56
C THR A 4 -20.71 6.68 -27.26
N ILE A 5 -20.69 5.35 -27.15
CA ILE A 5 -21.12 4.70 -25.91
C ILE A 5 -19.98 4.50 -24.90
N ASN A 6 -18.81 4.10 -25.40
CA ASN A 6 -17.65 3.77 -24.57
C ASN A 6 -16.66 4.90 -24.38
N ASP A 7 -16.69 5.87 -25.28
CA ASP A 7 -15.74 6.97 -25.24
C ASP A 7 -14.32 6.46 -25.44
N ASP A 8 -14.15 5.50 -26.35
CA ASP A 8 -12.83 5.04 -26.77
C ASP A 8 -12.08 6.10 -27.57
N ASP A 9 -12.70 7.23 -27.80
CA ASP A 9 -12.01 8.31 -28.52
C ASP A 9 -11.33 9.26 -27.54
N ILE A 10 -11.59 9.09 -26.25
CA ILE A 10 -10.96 9.93 -25.25
C ILE A 10 -9.50 9.51 -25.08
N ASP A 11 -8.60 10.46 -25.27
CA ASP A 11 -7.19 10.16 -25.25
C ASP A 11 -6.74 9.54 -23.94
N ASP A 12 -7.36 9.97 -22.86
CA ASP A 12 -7.05 9.41 -21.56
C ASP A 12 -7.41 7.94 -21.53
N VAL A 13 -8.50 7.57 -22.19
CA VAL A 13 -8.94 6.19 -22.18
C VAL A 13 -7.95 5.33 -22.95
N LYS A 14 -7.38 5.88 -24.01
CA LYS A 14 -6.45 5.12 -24.82
C LYS A 14 -5.13 4.92 -24.11
N LYS A 15 -4.99 5.45 -22.91
CA LYS A 15 -3.72 5.30 -22.21
C LYS A 15 -3.82 4.33 -21.05
N ALA A 16 -5.04 3.91 -20.76
CA ALA A 16 -5.28 2.92 -19.72
C ALA A 16 -4.31 1.77 -19.92
N LEU A 17 -4.11 0.99 -18.85
CA LEU A 17 -3.18 -0.12 -18.91
C LEU A 17 -3.60 -1.19 -17.91
N ASP A 18 -3.48 -2.46 -18.32
CA ASP A 18 -3.74 -3.58 -17.42
C ASP A 18 -2.73 -3.57 -16.30
N HIS A 19 -1.49 -3.23 -16.65
CA HIS A 19 -0.39 -3.30 -15.70
C HIS A 19 0.52 -2.07 -15.78
N ALA A 20 0.92 -1.55 -14.62
CA ALA A 20 1.61 -0.25 -14.54
C ALA A 20 3.14 -0.35 -14.54
N THR A 21 3.67 -1.52 -14.20
CA THR A 21 5.10 -1.71 -13.99
C THR A 21 6.01 -1.22 -15.15
N GLN A 22 5.97 -1.87 -16.29
CA GLN A 22 6.87 -1.47 -17.36
C GLN A 22 6.67 -0.03 -17.81
N ALA A 23 5.43 0.46 -17.84
CA ALA A 23 5.22 1.87 -18.18
C ALA A 23 5.86 2.80 -17.13
N ALA A 24 5.72 2.44 -15.86
CA ALA A 24 6.40 3.16 -14.80
C ALA A 24 7.92 3.24 -15.01
N HIS A 25 8.52 2.08 -15.27
CA HIS A 25 9.96 2.02 -15.50
C HIS A 25 10.34 2.93 -16.66
N LYS A 26 9.63 2.78 -17.77
CA LYS A 26 9.80 3.64 -18.94
C LYS A 26 9.78 5.11 -18.59
N ALA A 27 8.77 5.52 -17.83
CA ALA A 27 8.59 6.91 -17.47
C ALA A 27 9.81 7.36 -16.69
N ALA A 28 10.23 6.53 -15.74
CA ALA A 28 11.41 6.77 -14.93
C ALA A 28 12.61 7.04 -15.84
N ALA A 29 12.90 6.07 -16.71
CA ALA A 29 13.97 6.18 -17.68
C ALA A 29 13.85 7.48 -18.47
N GLU A 30 12.67 7.73 -19.01
CA GLU A 30 12.47 8.94 -19.79
C GLU A 30 12.76 10.19 -18.99
N LEU A 31 12.27 10.23 -17.75
CA LEU A 31 12.45 11.41 -16.90
C LEU A 31 13.91 11.60 -16.52
N THR A 32 14.58 10.50 -16.19
CA THR A 32 15.99 10.53 -15.84
C THR A 32 16.84 11.11 -16.97
N ALA A 33 16.59 10.67 -18.20
CA ALA A 33 17.28 11.20 -19.37
C ALA A 33 17.14 12.70 -19.39
N LYS A 34 15.91 13.19 -19.23
CA LYS A 34 15.67 14.63 -19.22
C LYS A 34 16.50 15.37 -18.16
N LEU A 35 16.95 14.64 -17.14
CA LEU A 35 17.67 15.26 -16.03
C LEU A 35 19.16 14.98 -16.08
N ARG A 36 19.61 14.28 -17.12
CA ARG A 36 21.02 13.94 -17.30
C ARG A 36 21.79 15.23 -17.53
N SER A 37 22.91 15.40 -16.82
CA SER A 37 23.72 16.59 -17.03
C SER A 37 25.14 16.32 -17.53
N ASP A 38 25.77 17.38 -18.02
CA ASP A 38 27.18 17.35 -18.32
C ASP A 38 27.88 18.28 -17.36
N PHE A 39 29.16 18.02 -17.14
CA PHE A 39 29.95 18.86 -16.26
C PHE A 39 30.35 20.18 -16.90
N VAL A 40 30.36 21.23 -16.09
CA VAL A 40 30.73 22.55 -16.55
C VAL A 40 31.65 23.16 -15.50
N GLU A 41 32.62 23.95 -15.91
CA GLU A 41 33.44 24.62 -14.93
C GLU A 41 32.56 25.60 -14.18
N TYR A 42 32.66 25.60 -12.86
CA TYR A 42 31.94 26.55 -12.03
C TYR A 42 32.86 27.71 -11.73
N GLY A 43 34.15 27.46 -11.81
CA GLY A 43 35.15 28.52 -11.66
C GLY A 43 36.54 28.00 -11.36
N ASN A 44 37.51 28.90 -11.22
CA ASN A 44 38.90 28.51 -10.99
C ASN A 44 39.68 29.46 -10.10
N GLY A 45 40.87 29.01 -9.66
CA GLY A 45 41.73 29.86 -8.85
C GLY A 45 42.37 30.90 -9.75
N GLY A 46 43.00 31.92 -9.17
CA GLY A 46 43.83 32.81 -9.96
C GLY A 46 44.75 31.93 -10.82
N THR A 47 45.04 32.36 -12.05
CA THR A 47 45.86 31.53 -12.95
C THR A 47 47.36 31.63 -12.64
N ALA A 48 47.66 32.04 -11.41
CA ALA A 48 49.00 31.98 -10.85
C ALA A 48 48.99 31.03 -9.65
N GLY A 49 50.17 30.65 -9.16
CA GLY A 49 50.25 29.80 -7.99
C GLY A 49 50.86 28.44 -8.30
N GLN A 50 51.50 27.85 -7.30
CA GLN A 50 52.16 26.55 -7.43
C GLN A 50 51.15 25.47 -7.80
N VAL A 51 49.88 25.86 -7.90
CA VAL A 51 48.81 24.95 -8.26
C VAL A 51 47.70 25.74 -8.95
N LEU A 52 47.21 25.22 -10.07
CA LEU A 52 46.05 25.78 -10.73
C LEU A 52 44.84 25.01 -10.20
N ILE A 53 43.77 25.73 -9.86
CA ILE A 53 42.58 25.10 -9.28
C ILE A 53 41.38 25.31 -10.19
N HIS A 54 40.72 24.20 -10.55
CA HIS A 54 39.47 24.24 -11.30
C HIS A 54 38.36 23.47 -10.58
N ILE A 55 37.18 24.07 -10.56
CA ILE A 55 35.99 23.47 -9.95
C ILE A 55 34.93 23.18 -11.01
N TYR A 56 34.38 21.96 -10.97
CA TYR A 56 33.35 21.56 -11.91
C TYR A 56 32.11 20.95 -11.23
N GLY A 57 30.94 21.27 -11.77
CA GLY A 57 29.70 20.66 -11.32
C GLY A 57 28.73 20.51 -12.48
N PRO A 58 27.55 19.94 -12.21
CA PRO A 58 26.56 19.71 -13.27
C PRO A 58 26.18 21.02 -13.95
N GLY A 59 25.70 20.93 -15.19
CA GLY A 59 25.18 22.10 -15.89
C GLY A 59 23.77 22.39 -15.42
N LEU A 60 23.04 21.34 -15.06
CA LEU A 60 21.72 21.49 -14.49
C LEU A 60 21.56 20.78 -13.13
N ILE A 61 21.14 21.54 -12.12
CA ILE A 61 20.75 20.98 -10.82
C ILE A 61 19.28 21.31 -10.66
N TYR A 62 18.46 20.30 -10.42
CA TYR A 62 17.06 20.59 -10.20
C TYR A 62 16.80 20.81 -8.71
N GLY A 63 16.19 21.95 -8.40
CA GLY A 63 15.74 22.26 -7.03
C GLY A 63 16.79 22.09 -5.95
N PHE A 64 16.46 21.34 -4.91
CA PHE A 64 17.33 21.25 -3.76
C PHE A 64 18.12 19.95 -3.74
N SER A 65 18.66 19.55 -4.88
CA SER A 65 19.44 18.30 -4.94
C SER A 65 20.89 18.47 -4.52
N ALA A 66 21.49 17.35 -4.13
CA ALA A 66 22.90 17.29 -3.86
C ALA A 66 23.55 16.98 -5.22
N PHE A 67 24.80 17.34 -5.40
CA PHE A 67 25.40 17.20 -6.72
C PHE A 67 26.88 16.94 -6.63
N PRO A 68 27.43 16.23 -7.62
CA PRO A 68 28.85 15.92 -7.55
C PRO A 68 29.63 17.16 -7.91
N VAL A 69 30.70 17.41 -7.17
CA VAL A 69 31.60 18.50 -7.50
C VAL A 69 32.96 17.91 -7.76
N GLN A 70 33.54 18.26 -8.90
CA GLN A 70 34.92 17.87 -9.20
C GLN A 70 35.87 19.04 -9.05
N ILE A 71 36.98 18.78 -8.37
CA ILE A 71 38.06 19.75 -8.23
C ILE A 71 39.32 19.23 -8.92
N ARG A 72 39.83 19.99 -9.87
CA ARG A 72 41.02 19.58 -10.58
C ARG A 72 42.24 20.46 -10.25
N LEU A 73 43.29 19.83 -9.72
CA LEU A 73 44.51 20.53 -9.36
C LEU A 73 45.64 20.24 -10.34
N GLU A 74 46.16 21.27 -11.01
CA GLU A 74 47.33 21.12 -11.87
C GLU A 74 48.62 21.53 -11.18
N ILE A 75 49.56 20.61 -11.05
CA ILE A 75 50.92 20.97 -10.69
C ILE A 75 51.69 21.30 -11.98
N PRO A 76 52.00 22.58 -12.19
CA PRO A 76 52.75 22.93 -13.40
C PRO A 76 54.19 22.43 -13.30
N ASN A 77 54.79 22.12 -14.44
CA ASN A 77 56.18 21.68 -14.46
C ASN A 77 57.12 22.71 -13.81
N GLN A 78 58.28 22.27 -13.34
CA GLN A 78 59.26 23.19 -12.75
C GLN A 78 60.59 23.25 -13.52
N PRO A 79 61.30 24.39 -13.44
CA PRO A 79 62.68 24.44 -13.92
C PRO A 79 63.50 23.33 -13.26
N VAL A 80 63.30 23.11 -11.96
CA VAL A 80 64.03 22.05 -11.25
C VAL A 80 63.16 20.82 -10.95
N PRO A 81 63.49 19.69 -11.59
CA PRO A 81 62.84 18.39 -11.52
C PRO A 81 62.47 17.92 -10.11
N PHE A 82 63.15 18.43 -9.08
CA PHE A 82 62.99 17.93 -7.73
C PHE A 82 62.19 18.91 -6.90
N ASN A 83 61.87 20.05 -7.50
CA ASN A 83 61.11 21.08 -6.82
C ASN A 83 59.66 20.70 -6.64
N LYS A 84 59.46 19.53 -6.05
CA LYS A 84 58.12 18.95 -5.92
C LYS A 84 57.16 19.77 -5.05
N VAL A 85 55.92 19.83 -5.52
CA VAL A 85 54.83 20.46 -4.79
C VAL A 85 54.14 19.42 -3.92
N HIS A 86 54.07 19.68 -2.61
CA HIS A 86 53.37 18.78 -1.68
C HIS A 86 52.01 19.38 -1.32
N ILE A 87 50.95 18.58 -1.35
CA ILE A 87 49.65 19.08 -0.92
C ILE A 87 49.29 18.49 0.43
N THR A 88 49.14 19.35 1.43
CA THR A 88 48.98 18.86 2.79
C THR A 88 47.52 18.77 3.21
N GLU A 89 46.70 19.59 2.58
CA GLU A 89 45.30 19.64 2.94
C GLU A 89 44.50 20.42 1.94
N VAL A 90 43.51 19.78 1.33
CA VAL A 90 42.53 20.49 0.52
C VAL A 90 41.20 20.49 1.24
N THR A 91 40.53 21.63 1.19
CA THR A 91 39.28 21.83 1.89
C THR A 91 38.29 22.50 0.95
N ALA A 92 37.12 21.89 0.79
CA ALA A 92 36.05 22.52 0.03
C ALA A 92 34.73 22.57 0.81
N TYR A 93 33.93 23.59 0.51
CA TYR A 93 32.65 23.77 1.16
C TYR A 93 31.78 24.75 0.40
N VAL A 94 30.50 24.78 0.77
CA VAL A 94 29.52 25.68 0.19
C VAL A 94 29.40 26.87 1.11
N ILE A 95 29.30 28.07 0.53
CA ILE A 95 29.16 29.25 1.36
C ILE A 95 27.97 30.09 0.92
N ASP A 96 27.15 30.50 1.87
CA ASP A 96 25.98 31.32 1.53
C ASP A 96 26.34 32.80 1.62
N GLU A 97 25.38 33.64 1.27
CA GLU A 97 25.58 35.07 1.22
C GLU A 97 25.68 35.69 2.61
N ASN A 98 25.85 34.88 3.65
CA ASN A 98 26.16 35.40 4.98
C ASN A 98 27.41 34.74 5.53
N ASN A 99 28.29 34.28 4.64
CA ASN A 99 29.50 33.62 5.09
C ASN A 99 29.18 32.47 6.03
N ARG A 100 28.04 31.83 5.79
CA ARG A 100 27.78 30.59 6.46
C ARG A 100 28.18 29.45 5.52
N THR A 101 28.80 28.41 6.08
CA THR A 101 29.38 27.37 5.25
C THR A 101 28.75 26.01 5.52
N TYR A 102 28.55 25.22 4.47
CA TYR A 102 27.96 23.90 4.66
C TYR A 102 28.76 22.77 4.02
N TRP A 103 28.71 21.61 4.65
CA TRP A 103 29.13 20.37 4.02
C TRP A 103 30.62 20.32 3.76
N THR A 104 31.34 21.23 4.42
CA THR A 104 32.81 21.26 4.36
C THR A 104 33.38 19.86 4.23
N ARG A 105 34.27 19.70 3.26
CA ARG A 105 34.91 18.42 3.03
C ARG A 105 36.39 18.66 3.15
N VAL A 106 37.10 17.77 3.85
CA VAL A 106 38.54 17.94 3.97
C VAL A 106 39.33 16.70 3.59
N TRP A 107 40.27 16.88 2.68
CA TRP A 107 41.27 15.85 2.36
C TRP A 107 42.56 16.21 3.11
N ASN A 108 42.99 15.34 4.01
CA ASN A 108 44.23 15.61 4.72
C ASN A 108 45.41 14.95 4.03
N SER A 109 46.61 15.33 4.47
CA SER A 109 47.84 14.96 3.78
C SER A 109 47.88 13.46 3.42
N SER A 110 47.30 12.62 4.26
CA SER A 110 47.22 11.18 3.99
C SER A 110 46.74 10.88 2.58
N THR A 111 45.88 11.74 2.07
CA THR A 111 45.24 11.51 0.78
C THR A 111 46.26 11.62 -0.32
N PHE A 112 47.29 12.41 -0.08
CA PHE A 112 48.22 12.76 -1.15
C PHE A 112 49.56 12.06 -1.07
N ARG A 113 50.24 12.04 -2.21
CA ARG A 113 51.52 11.38 -2.40
C ARG A 113 52.60 11.90 -1.46
N GLN A 114 53.18 11.00 -0.67
CA GLN A 114 54.24 11.34 0.29
C GLN A 114 55.35 12.19 -0.34
N GLY A 115 55.77 11.78 -1.53
CA GLY A 115 56.90 12.43 -2.21
C GLY A 115 56.59 13.77 -2.83
N GLY A 116 55.33 14.20 -2.79
CA GLY A 116 54.96 15.43 -3.47
C GLY A 116 54.77 15.20 -4.98
N TYR A 117 54.55 16.28 -5.72
CA TYR A 117 54.16 16.19 -7.12
C TYR A 117 54.97 17.16 -7.95
N ILE A 118 55.29 16.76 -9.18
CA ILE A 118 55.79 17.71 -10.15
C ILE A 118 55.19 17.42 -11.52
N ALA A 119 54.92 18.45 -12.30
CA ALA A 119 54.23 18.30 -13.59
C ALA A 119 53.19 17.18 -13.57
N ASP A 120 52.01 17.47 -12.99
CA ASP A 120 51.00 16.45 -12.75
C ASP A 120 49.59 17.03 -12.66
N THR A 121 48.59 16.14 -12.65
CA THR A 121 47.21 16.56 -12.53
C THR A 121 46.44 15.69 -11.55
N LEU A 122 45.71 16.34 -10.66
CA LEU A 122 44.99 15.63 -9.61
C LEU A 122 43.49 15.91 -9.67
N ASP A 123 42.69 14.86 -9.59
CA ASP A 123 41.23 14.97 -9.65
C ASP A 123 40.62 14.59 -8.32
N LEU A 124 39.96 15.55 -7.68
CA LEU A 124 39.22 15.28 -6.46
C LEU A 124 37.70 15.30 -6.72
N VAL A 125 37.00 14.33 -6.14
CA VAL A 125 35.55 14.29 -6.31
C VAL A 125 34.81 14.34 -4.99
N THR A 126 33.81 15.21 -4.92
CA THR A 126 32.99 15.31 -3.74
C THR A 126 31.51 15.56 -4.08
N VAL A 127 30.66 15.58 -3.06
CA VAL A 127 29.24 15.82 -3.25
C VAL A 127 28.90 17.04 -2.45
N MSE A 128 28.10 17.94 -3.03
CA MSE A 128 27.71 19.16 -2.31
C MSE A 128 26.19 19.43 -2.35
O MSE A 128 25.42 18.69 -2.98
CB MSE A 128 28.48 20.37 -2.85
CG MSE A 128 30.01 20.30 -2.61
SE MSE A 128 30.61 20.76 -0.78
CE MSE A 128 31.87 19.30 -0.55
N LYS A 129 25.77 20.49 -1.69
CA LYS A 129 24.37 20.86 -1.65
C LYS A 129 24.17 22.28 -1.12
N ALA A 130 23.31 23.04 -1.80
CA ALA A 130 22.98 24.40 -1.38
C ALA A 130 22.19 24.43 -0.06
N PRO A 131 21.94 25.64 0.48
CA PRO A 131 21.08 25.77 1.65
C PRO A 131 19.67 25.21 1.39
N ASP A 132 19.10 24.56 2.39
CA ASP A 132 17.83 23.86 2.24
C ASP A 132 16.91 24.10 3.44
N PRO A 133 16.02 25.09 3.32
CA PRO A 133 15.10 25.53 4.36
C PRO A 133 14.02 24.49 4.74
N LEU A 134 13.52 23.74 3.76
CA LEU A 134 12.42 22.80 3.99
C LEU A 134 12.80 21.40 4.55
N VAL A 135 14.07 21.01 4.40
CA VAL A 135 14.46 19.61 4.62
C VAL A 135 13.96 18.99 5.92
N TYR A 136 14.03 19.72 7.03
CA TYR A 136 13.64 19.14 8.32
C TYR A 136 12.14 19.12 8.54
N GLN A 137 11.46 20.11 7.97
CA GLN A 137 10.01 20.13 8.03
C GLN A 137 9.44 18.98 7.24
N ILE A 138 10.10 18.64 6.13
CA ILE A 138 9.67 17.51 5.33
C ILE A 138 9.94 16.24 6.08
N ARG A 139 11.12 16.18 6.70
CA ARG A 139 11.44 15.02 7.52
C ARG A 139 10.40 14.80 8.63
N ASP A 140 9.98 15.87 9.30
CA ASP A 140 8.95 15.76 10.34
C ASP A 140 7.65 15.27 9.76
N ALA A 141 7.24 15.95 8.72
CA ALA A 141 6.05 15.62 7.98
C ALA A 141 6.06 14.12 7.70
N ILE A 142 7.16 13.60 7.20
CA ILE A 142 7.21 12.18 6.85
C ILE A 142 7.01 11.31 8.09
N VAL A 143 7.62 11.70 9.20
CA VAL A 143 7.58 10.88 10.39
C VAL A 143 6.23 10.94 11.08
N THR A 144 5.76 12.16 11.36
CA THR A 144 4.51 12.33 12.09
C THR A 144 3.28 12.26 11.18
N GLY A 145 3.43 12.60 9.91
CA GLY A 145 2.27 12.57 9.03
C GLY A 145 1.44 13.84 9.13
N GLN A 146 1.77 14.70 10.08
CA GLN A 146 1.09 15.98 10.22
C GLN A 146 1.49 16.93 9.09
N ILE A 147 0.57 17.16 8.15
CA ILE A 147 0.83 18.05 7.01
C ILE A 147 -0.29 19.07 6.90
N SER A 148 0.03 20.33 7.16
CA SER A 148 -0.94 21.40 7.13
C SER A 148 -0.94 22.03 5.76
N ARG A 149 -1.96 22.84 5.51
CA ARG A 149 -2.00 23.61 4.28
C ARG A 149 -0.81 24.56 4.25
N GLU A 150 -0.32 24.93 5.44
CA GLU A 150 0.78 25.88 5.55
C GLU A 150 2.05 25.28 4.95
N LEU A 151 2.48 24.16 5.52
CA LEU A 151 3.63 23.41 5.01
C LEU A 151 3.43 23.11 3.53
N TYR A 152 2.22 22.71 3.21
CA TYR A 152 1.90 22.23 1.88
C TYR A 152 2.18 23.29 0.85
N ASP A 153 1.69 24.50 1.09
CA ASP A 153 1.92 25.63 0.18
C ASP A 153 3.40 25.91 0.16
N LYS A 154 4.00 25.82 1.34
CA LYS A 154 5.40 26.18 1.49
C LYS A 154 6.25 25.32 0.58
N ILE A 155 5.88 24.05 0.45
CA ILE A 155 6.63 23.14 -0.41
C ILE A 155 6.79 23.69 -1.82
N TRP A 156 5.70 24.19 -2.39
CA TRP A 156 5.69 24.62 -3.79
C TRP A 156 6.14 26.07 -3.96
N ASN A 157 6.31 26.80 -2.87
CA ASN A 157 6.62 28.22 -2.98
C ASN A 157 8.03 28.62 -2.51
N THR A 158 8.72 27.71 -1.84
CA THR A 158 10.06 28.00 -1.39
C THR A 158 11.02 27.96 -2.56
N SER A 159 11.94 28.91 -2.60
CA SER A 159 12.90 29.00 -3.69
C SER A 159 14.26 28.48 -3.26
N THR A 160 15.07 28.18 -4.27
CA THR A 160 16.44 27.76 -4.05
C THR A 160 17.30 28.96 -3.61
N THR A 161 18.19 28.71 -2.66
CA THR A 161 19.05 29.75 -2.08
C THR A 161 20.29 30.02 -2.93
N HIS A 162 20.78 31.26 -2.88
CA HIS A 162 22.05 31.63 -3.55
C HIS A 162 23.23 31.14 -2.74
N PHE A 163 24.25 30.60 -3.41
CA PHE A 163 25.44 30.07 -2.73
C PHE A 163 26.63 30.03 -3.69
N GLU A 164 27.82 29.78 -3.13
CA GLU A 164 29.03 29.57 -3.93
C GLU A 164 29.88 28.48 -3.30
N ILE A 165 30.70 27.85 -4.12
CA ILE A 165 31.68 26.88 -3.61
C ILE A 165 33.07 27.51 -3.54
N ARG A 166 33.79 27.24 -2.46
CA ARG A 166 35.18 27.64 -2.44
C ARG A 166 36.12 26.53 -1.95
N VAL A 167 37.33 26.56 -2.49
CA VAL A 167 38.34 25.54 -2.25
C VAL A 167 39.62 26.16 -1.69
N ILE A 168 40.25 25.45 -0.76
CA ILE A 168 41.48 25.94 -0.18
C ILE A 168 42.54 24.84 -0.21
N VAL A 169 43.64 25.15 -0.90
CA VAL A 169 44.75 24.20 -1.00
C VAL A 169 45.93 24.70 -0.19
N LYS A 170 46.52 23.81 0.58
CA LYS A 170 47.64 24.13 1.42
C LYS A 170 48.73 23.09 1.26
N GLY A 171 49.98 23.53 1.43
CA GLY A 171 51.13 22.66 1.35
C GLY A 171 52.37 23.49 1.06
N TYR A 172 53.43 22.83 0.62
CA TYR A 172 54.69 23.52 0.39
C TYR A 172 55.46 23.02 -0.83
N GLN A 173 56.20 23.92 -1.48
CA GLN A 173 57.08 23.54 -2.57
C GLN A 173 58.52 23.37 -2.12
N GLU A 174 59.17 22.32 -2.60
CA GLU A 174 60.58 22.11 -2.33
C GLU A 174 61.43 23.02 -3.23
N ALA A 175 62.48 23.59 -2.65
CA ALA A 175 63.47 24.36 -3.39
C ALA A 175 64.79 23.62 -3.35
N TRP A 176 65.38 23.36 -4.52
CA TRP A 176 66.65 22.65 -4.61
C TRP A 176 67.70 23.50 -5.33
N LYS A 177 68.94 23.49 -4.83
CA LYS A 177 70.07 24.17 -5.49
C LYS A 177 71.19 23.17 -5.76
N THR A 178 72.06 23.49 -6.71
CA THR A 178 73.29 22.71 -6.93
C THR A 178 74.33 22.96 -5.85
N ASP A 179 74.85 21.87 -5.30
CA ASP A 179 75.92 21.93 -4.31
C ASP A 179 77.25 21.96 -5.03
N SER A 180 77.76 23.17 -5.27
CA SER A 180 78.96 23.41 -6.08
C SER A 180 80.21 22.70 -5.57
N SER A 181 80.14 22.16 -4.34
CA SER A 181 81.30 21.57 -3.68
C SER A 181 81.44 20.08 -3.89
N VAL A 182 80.62 19.50 -4.77
CA VAL A 182 80.67 18.08 -5.06
C VAL A 182 81.08 17.89 -6.52
N SER A 183 82.06 17.02 -6.73
CA SER A 183 82.71 16.93 -8.05
C SER A 183 82.28 15.69 -8.85
N ASN A 184 81.72 14.71 -8.16
CA ASN A 184 81.44 13.41 -8.75
C ASN A 184 80.20 12.78 -8.13
N GLN A 185 79.44 12.03 -8.92
CA GLN A 185 78.27 11.36 -8.41
C GLN A 185 78.61 10.60 -7.14
N SER A 186 79.78 9.97 -7.11
CA SER A 186 80.15 9.16 -5.96
C SER A 186 80.06 9.96 -4.69
N SER A 187 80.41 11.23 -4.78
CA SER A 187 80.50 12.07 -3.59
C SER A 187 79.19 12.80 -3.31
N CYS A 188 78.24 12.66 -4.22
CA CYS A 188 76.93 13.27 -4.07
C CYS A 188 76.11 12.47 -3.07
N PRO A 189 75.69 13.11 -1.98
CA PRO A 189 75.09 12.40 -0.85
C PRO A 189 73.89 11.55 -1.28
N SER A 190 73.59 10.52 -0.49
CA SER A 190 72.45 9.65 -0.77
C SER A 190 71.14 10.43 -0.99
N ASP A 191 70.88 11.41 -0.13
CA ASP A 191 69.66 12.22 -0.27
C ASP A 191 69.71 13.19 -1.44
N GLY A 192 70.89 13.73 -1.73
CA GLY A 192 71.04 14.60 -2.91
C GLY A 192 70.74 13.86 -4.21
N HIS A 193 70.92 14.53 -5.34
CA HIS A 193 70.66 13.93 -6.65
C HIS A 193 71.69 14.35 -7.73
N TRP A 194 72.52 13.43 -8.20
CA TRP A 194 73.38 13.74 -9.34
C TRP A 194 72.51 13.87 -10.57
N TYR A 195 72.70 14.93 -11.33
CA TYR A 195 71.80 15.21 -12.44
C TYR A 195 72.35 16.35 -13.28
N GLU A 196 72.58 16.08 -14.57
CA GLU A 196 73.22 17.05 -15.44
C GLU A 196 74.59 17.46 -14.87
N ASP A 197 75.37 16.45 -14.47
CA ASP A 197 76.77 16.63 -14.06
C ASP A 197 76.95 17.54 -12.86
N ALA A 198 75.87 17.82 -12.14
CA ALA A 198 75.98 18.54 -10.89
C ALA A 198 75.22 17.79 -9.80
N CYS A 199 75.60 18.03 -8.56
CA CYS A 199 74.97 17.33 -7.46
C CYS A 199 73.98 18.23 -6.76
N TRP A 200 72.70 18.04 -7.07
CA TRP A 200 71.63 18.89 -6.56
C TRP A 200 71.25 18.49 -5.14
N VAL A 201 70.96 19.49 -4.30
CA VAL A 201 70.61 19.21 -2.91
C VAL A 201 69.44 20.08 -2.40
N HIS A 202 68.77 19.61 -1.36
CA HIS A 202 67.51 20.18 -0.94
C HIS A 202 67.66 21.38 0.00
N ASP A 203 67.43 22.57 -0.55
CA ASP A 203 67.62 23.81 0.19
C ASP A 203 66.52 24.13 1.22
N LYS A 204 65.40 24.66 0.76
CA LYS A 204 64.34 25.08 1.66
C LYS A 204 62.94 24.57 1.25
N ASP A 205 61.95 24.85 2.08
CA ASP A 205 60.56 24.54 1.79
C ASP A 205 59.71 25.81 1.86
N ILE A 206 58.88 26.04 0.87
CA ILE A 206 58.13 27.29 0.77
C ILE A 206 56.61 27.10 0.83
N ASP A 207 56.00 27.56 1.91
CA ASP A 207 54.57 27.38 2.13
C ASP A 207 53.67 28.19 1.19
N PHE A 208 52.52 27.60 0.85
CA PHE A 208 51.49 28.31 0.10
C PHE A 208 50.11 27.97 0.64
N THR A 209 49.19 28.92 0.44
CA THR A 209 47.80 28.70 0.69
C THR A 209 47.07 29.25 -0.52
N LEU A 210 46.55 28.36 -1.35
CA LEU A 210 45.85 28.80 -2.53
C LEU A 210 44.35 28.62 -2.30
N LYS A 211 43.58 29.51 -2.89
CA LYS A 211 42.15 29.53 -2.67
C LYS A 211 41.43 29.92 -3.95
N ALA A 212 40.42 29.14 -4.28
CA ALA A 212 39.60 29.39 -5.46
C ALA A 212 38.14 29.44 -5.03
N GLU A 213 37.33 30.09 -5.86
CA GLU A 213 35.91 30.24 -5.57
C GLU A 213 35.13 30.30 -6.87
N THR A 214 33.86 29.92 -6.83
CA THR A 214 33.04 29.94 -8.03
C THR A 214 32.33 31.26 -8.17
N THR A 215 31.67 31.47 -9.30
CA THR A 215 30.93 32.70 -9.52
C THR A 215 29.55 32.41 -10.06
N THR A 216 28.50 32.76 -9.32
CA THR A 216 27.15 32.47 -9.75
C THR A 216 26.97 30.95 -9.93
N ALA A 217 27.58 30.18 -9.03
CA ALA A 217 27.39 28.73 -9.03
C ALA A 217 25.91 28.41 -9.06
N TRP A 218 25.15 29.04 -8.16
CA TRP A 218 23.72 28.81 -8.01
C TRP A 218 22.98 28.98 -9.32
N GLY A 219 23.60 29.61 -10.30
CA GLY A 219 22.95 29.79 -11.60
C GLY A 219 22.80 28.52 -12.41
N HIS A 220 23.11 27.39 -11.81
CA HIS A 220 22.98 26.11 -12.52
C HIS A 220 21.75 25.37 -12.03
N VAL A 221 21.08 25.97 -11.06
CA VAL A 221 19.90 25.40 -10.44
C VAL A 221 18.63 25.95 -11.07
N THR A 222 17.69 25.07 -11.38
CA THR A 222 16.40 25.50 -11.85
C THR A 222 15.31 25.00 -10.92
N GLY A 223 14.31 25.85 -10.71
CA GLY A 223 13.13 25.52 -9.92
C GLY A 223 12.00 24.99 -10.78
N THR A 224 11.83 25.54 -11.98
CA THR A 224 10.74 25.13 -12.87
C THR A 224 10.80 23.63 -13.10
N ASN A 225 9.78 22.92 -12.63
CA ASN A 225 9.69 21.49 -12.82
C ASN A 225 9.07 21.10 -14.16
N ASP A 226 8.64 22.11 -14.93
CA ASP A 226 8.04 21.84 -16.24
C ASP A 226 8.94 20.93 -17.04
N VAL A 227 10.24 20.96 -16.73
CA VAL A 227 11.19 20.03 -17.32
C VAL A 227 10.81 18.57 -17.03
N ALA A 228 10.16 18.36 -15.89
CA ALA A 228 9.82 17.03 -15.41
C ALA A 228 8.46 16.51 -15.89
N THR A 229 8.29 16.42 -17.20
CA THR A 229 7.07 15.92 -17.78
C THR A 229 7.31 14.55 -18.39
N ILE A 230 6.40 13.61 -18.17
CA ILE A 230 6.43 12.37 -18.93
C ILE A 230 5.44 12.44 -20.09
N ASP A 231 5.81 11.87 -21.23
CA ASP A 231 4.97 11.91 -22.42
C ASP A 231 3.72 11.08 -22.18
N GLY A 232 2.56 11.70 -22.31
CA GLY A 232 1.30 10.98 -22.16
C GLY A 232 0.81 10.81 -20.73
N GLY A 233 1.60 11.27 -19.76
CA GLY A 233 1.14 11.28 -18.37
C GLY A 233 -0.16 12.05 -18.26
N MSE A 234 -1.04 11.66 -17.34
CA MSE A 234 -2.37 12.24 -17.29
C MSE A 234 -2.58 13.34 -16.24
O MSE A 234 -1.81 13.47 -15.30
CB MSE A 234 -3.45 11.16 -17.12
CG MSE A 234 -4.73 11.50 -17.88
SE MSE A 234 -6.27 10.51 -17.34
CE MSE A 234 -6.37 11.12 -15.51
N LEU A 235 -3.63 14.13 -16.45
CA LEU A 235 -4.10 15.12 -15.49
C LEU A 235 -5.54 14.81 -15.08
N GLY A 236 -5.87 15.09 -13.83
CA GLY A 236 -7.25 15.02 -13.39
C GLY A 236 -7.86 13.63 -13.39
N SER A 237 -9.12 13.54 -13.79
CA SER A 237 -9.86 12.32 -13.66
C SER A 237 -10.74 12.14 -14.86
N LEU A 238 -10.93 10.90 -15.28
CA LEU A 238 -11.95 10.65 -16.28
C LEU A 238 -13.30 11.11 -15.72
N PRO A 239 -14.25 11.42 -16.60
CA PRO A 239 -15.58 11.76 -16.14
C PRO A 239 -16.20 10.68 -15.27
N ILE A 240 -17.10 11.06 -14.37
CA ILE A 240 -17.66 10.12 -13.39
C ILE A 240 -18.36 8.90 -13.99
N LYS A 241 -18.79 8.98 -15.24
CA LYS A 241 -19.46 7.83 -15.82
C LYS A 241 -18.59 6.59 -15.77
N PHE A 242 -17.27 6.77 -15.68
CA PHE A 242 -16.34 5.66 -15.79
C PHE A 242 -16.26 4.85 -14.52
N LEU A 243 -17.08 5.20 -13.54
CA LEU A 243 -17.18 4.45 -12.29
C LEU A 243 -17.90 3.12 -12.50
N GLN A 244 -18.91 3.09 -13.36
CA GLN A 244 -19.59 1.84 -13.69
C GLN A 244 -19.02 1.17 -14.94
N SER A 245 -17.72 1.37 -15.19
CA SER A 245 -17.12 0.78 -16.38
C SER A 245 -16.23 -0.39 -16.03
N LEU A 246 -16.77 -1.60 -16.20
CA LEU A 246 -16.00 -2.82 -16.01
C LEU A 246 -14.79 -2.80 -16.94
N ASP A 247 -14.92 -2.12 -18.07
CA ASP A 247 -13.85 -2.09 -19.06
C ASP A 247 -12.59 -1.49 -18.44
N LEU A 248 -12.79 -0.51 -17.56
CA LEU A 248 -11.68 0.19 -16.90
C LEU A 248 -11.37 -0.25 -15.46
N SER A 249 -12.11 -1.21 -14.93
CA SER A 249 -11.81 -1.63 -13.57
C SER A 249 -10.42 -2.29 -13.57
N GLY A 250 -9.58 -1.89 -12.62
CA GLY A 250 -8.28 -2.51 -12.48
C GLY A 250 -7.25 -2.02 -13.48
N LYS A 251 -7.52 -0.91 -14.15
CA LYS A 251 -6.55 -0.33 -15.07
C LYS A 251 -5.83 0.88 -14.49
N TRP A 252 -4.62 1.14 -14.99
CA TRP A 252 -3.83 2.25 -14.49
C TRP A 252 -3.54 3.24 -15.59
N VAL A 253 -3.13 4.44 -15.20
CA VAL A 253 -2.52 5.39 -16.10
C VAL A 253 -1.39 6.05 -15.33
N LEU A 254 -0.35 6.48 -16.02
CA LEU A 254 0.68 7.26 -15.36
C LEU A 254 0.15 8.65 -15.18
N TYR A 255 0.50 9.28 -14.07
CA TYR A 255 0.07 10.66 -13.88
C TYR A 255 1.25 11.60 -14.03
N GLN A 256 1.01 12.80 -14.53
CA GLN A 256 2.03 13.83 -14.37
C GLN A 256 2.14 14.06 -12.86
N ASN A 257 3.35 14.36 -12.38
CA ASN A 257 3.55 14.74 -10.99
C ASN A 257 4.12 16.15 -10.93
N LYS A 258 3.77 16.89 -9.90
CA LYS A 258 4.44 18.14 -9.59
C LYS A 258 5.55 17.82 -8.58
N TYR A 259 6.77 18.27 -8.83
CA TYR A 259 7.90 17.89 -7.98
C TYR A 259 8.50 19.09 -7.25
N ALA A 260 9.02 18.84 -6.05
CA ALA A 260 9.88 19.80 -5.35
C ALA A 260 10.96 19.01 -4.61
N GLY A 261 12.15 19.59 -4.46
CA GLY A 261 13.21 18.90 -3.74
C GLY A 261 14.36 18.39 -4.59
N ALA A 262 14.88 17.21 -4.24
CA ALA A 262 16.10 16.70 -4.86
C ALA A 262 15.81 15.85 -6.10
N LEU A 263 15.15 16.45 -7.07
CA LEU A 263 14.70 15.69 -8.23
C LEU A 263 15.84 15.13 -9.06
N SER A 264 17.01 15.77 -9.00
CA SER A 264 18.18 15.28 -9.73
C SER A 264 18.72 14.00 -9.09
N ASP A 265 18.48 13.82 -7.81
CA ASP A 265 19.05 12.68 -7.09
C ASP A 265 18.22 11.41 -7.24
N PHE A 266 16.90 11.55 -7.09
CA PHE A 266 15.98 10.43 -7.30
C PHE A 266 14.60 10.92 -7.71
N ILE A 267 13.77 10.02 -8.21
CA ILE A 267 12.48 10.42 -8.75
C ILE A 267 11.35 9.53 -8.25
N ILE A 268 10.14 10.03 -8.36
CA ILE A 268 8.97 9.25 -8.06
C ILE A 268 8.08 9.22 -9.28
N ILE A 269 7.72 8.02 -9.73
CA ILE A 269 6.74 7.90 -10.80
C ILE A 269 5.41 7.48 -10.17
N THR A 270 4.32 8.07 -10.62
CA THR A 270 2.99 7.72 -10.09
C THR A 270 2.15 7.05 -11.14
N ALA A 271 1.65 5.86 -10.83
CA ALA A 271 0.59 5.28 -11.62
C ALA A 271 -0.62 5.16 -10.70
N ALA A 272 -1.80 5.48 -11.22
CA ALA A 272 -3.00 5.35 -10.42
C ALA A 272 -4.20 4.93 -11.28
N SER A 273 -5.36 4.75 -10.64
CA SER A 273 -6.62 4.56 -11.37
C SER A 273 -6.94 5.85 -12.07
N PRO A 274 -7.63 5.78 -13.21
CA PRO A 274 -7.93 7.01 -13.96
C PRO A 274 -9.20 7.79 -13.51
N VAL A 275 -9.92 7.27 -12.52
CA VAL A 275 -11.15 7.89 -12.05
C VAL A 275 -11.07 8.15 -10.56
N HIS A 276 -11.44 9.37 -10.16
CA HIS A 276 -11.37 9.80 -8.76
C HIS A 276 -12.62 10.58 -8.42
N VAL A 277 -13.51 9.95 -7.67
CA VAL A 277 -14.80 10.57 -7.36
C VAL A 277 -15.03 10.48 -5.87
N LEU A 278 -15.73 11.47 -5.31
CA LEU A 278 -16.06 11.42 -3.88
C LEU A 278 -16.84 10.15 -3.55
N ASN A 279 -16.62 9.63 -2.35
CA ASN A 279 -17.19 8.37 -1.90
C ASN A 279 -16.78 7.16 -2.70
N SER A 280 -15.81 7.31 -3.58
CA SER A 280 -15.29 6.16 -4.29
C SER A 280 -13.82 5.87 -3.93
N THR A 281 -13.31 4.75 -4.42
CA THR A 281 -11.95 4.31 -4.10
C THR A 281 -11.06 4.35 -5.33
N ALA A 282 -9.81 4.75 -5.15
CA ALA A 282 -8.78 4.74 -6.21
C ALA A 282 -7.47 4.06 -5.77
N MSE A 283 -6.77 3.42 -6.68
CA MSE A 283 -5.47 2.79 -6.39
C MSE A 283 -4.30 3.68 -6.81
O MSE A 283 -4.31 4.26 -7.91
CB MSE A 283 -5.31 1.49 -7.19
CG MSE A 283 -6.47 0.51 -7.15
SE MSE A 283 -6.40 -0.51 -5.54
CE MSE A 283 -7.15 0.84 -4.44
N TYR A 284 -3.28 3.76 -5.98
CA TYR A 284 -2.04 4.42 -6.38
C TYR A 284 -0.90 3.44 -6.27
N LYS A 285 0.12 3.65 -7.09
CA LYS A 285 1.32 2.82 -7.07
C LYS A 285 2.48 3.79 -7.36
N PHE A 286 3.42 3.89 -6.44
CA PHE A 286 4.53 4.81 -6.63
C PHE A 286 5.86 4.08 -6.84
N LEU A 287 6.61 4.53 -7.83
CA LEU A 287 7.94 4.01 -8.07
C LEU A 287 8.95 5.01 -7.52
N ILE A 288 9.89 4.52 -6.71
CA ILE A 288 10.98 5.37 -6.25
C ILE A 288 12.29 4.86 -6.85
N THR A 289 12.97 5.70 -7.62
CA THR A 289 14.18 5.25 -8.35
C THR A 289 15.34 6.19 -8.09
N PRO A 290 16.50 5.64 -7.70
CA PRO A 290 17.64 6.54 -7.66
C PRO A 290 17.86 6.98 -9.09
N ASN A 291 18.37 8.20 -9.27
CA ASN A 291 18.57 8.73 -10.61
C ASN A 291 19.99 8.41 -11.09
N PRO A 292 20.10 7.46 -12.03
CA PRO A 292 21.28 6.63 -12.30
C PRO A 292 22.56 7.42 -12.55
N GLY A 293 23.59 7.22 -11.71
CA GLY A 293 24.90 7.80 -11.96
C GLY A 293 24.83 9.30 -12.20
N TYR A 294 24.04 9.98 -11.39
CA TYR A 294 23.99 11.41 -11.47
C TYR A 294 25.18 11.96 -10.71
N PHE A 295 25.72 11.15 -9.82
CA PHE A 295 26.86 11.55 -8.99
C PHE A 295 28.20 11.10 -9.57
N GLN A 296 28.15 10.35 -10.67
CA GLN A 296 29.36 10.00 -11.42
C GLN A 296 30.26 11.22 -11.50
N PRO A 297 31.57 11.09 -11.24
CA PRO A 297 32.37 9.90 -10.90
C PRO A 297 32.25 9.48 -9.45
N ALA A 298 31.66 10.34 -8.61
CA ALA A 298 31.36 9.91 -7.25
C ALA A 298 30.34 8.78 -7.29
N ASN A 299 30.24 8.06 -6.17
CA ASN A 299 29.27 6.98 -6.08
C ASN A 299 28.71 6.73 -4.68
N PRO A 300 28.07 7.73 -4.09
CA PRO A 300 27.60 7.64 -2.71
C PRO A 300 26.44 6.65 -2.62
N LYS A 301 26.29 5.99 -1.47
CA LYS A 301 25.11 5.20 -1.20
C LYS A 301 23.99 6.20 -0.87
N ILE A 302 22.75 5.81 -1.11
CA ILE A 302 21.60 6.62 -0.72
C ILE A 302 20.60 5.76 0.07
N SER A 303 20.04 6.25 1.16
CA SER A 303 19.10 5.42 1.94
C SER A 303 18.00 6.09 2.74
N ASP A 304 16.75 5.61 2.55
CA ASP A 304 15.71 5.47 3.60
C ASP A 304 14.15 5.68 3.57
N GLU A 305 13.64 6.86 3.96
CA GLU A 305 12.25 6.93 4.54
C GLU A 305 11.17 7.73 3.83
N TYR A 306 9.95 7.17 3.75
CA TYR A 306 8.89 7.70 2.88
C TYR A 306 7.53 7.78 3.58
N ARG A 307 6.69 8.68 3.07
CA ARG A 307 5.27 8.69 3.40
C ARG A 307 4.43 9.07 2.17
N PHE A 308 3.49 8.21 1.81
CA PHE A 308 2.54 8.55 0.74
C PHE A 308 1.20 8.76 1.41
N VAL A 309 0.52 9.84 1.05
CA VAL A 309 -0.75 10.18 1.69
C VAL A 309 -1.80 10.66 0.69
N THR A 310 -3.05 10.69 1.14
CA THR A 310 -4.04 11.54 0.48
C THR A 310 -4.37 12.56 1.55
N LEU A 311 -4.69 13.76 1.12
CA LEU A 311 -5.04 14.82 2.03
C LEU A 311 -6.45 15.30 1.72
N ARG A 312 -7.34 15.21 2.70
CA ARG A 312 -8.68 15.74 2.51
C ARG A 312 -8.56 17.25 2.57
N VAL A 313 -9.13 17.91 1.59
CA VAL A 313 -9.22 19.35 1.62
C VAL A 313 -10.61 19.72 2.10
N ILE A 314 -10.66 20.47 3.18
CA ILE A 314 -11.93 20.95 3.70
C ILE A 314 -12.33 22.25 3.01
N GLU A 315 -13.62 22.47 2.79
CA GLU A 315 -14.08 23.76 2.26
C GLU A 315 -13.48 24.91 3.06
N GLY A 316 -12.93 25.89 2.36
CA GLY A 316 -12.20 26.97 3.02
C GLY A 316 -10.72 26.83 2.75
N GLY A 317 -10.25 25.59 2.71
CA GLY A 317 -8.88 25.28 2.26
C GLY A 317 -8.01 24.54 3.28
N ARG A 318 -8.56 24.24 4.44
CA ARG A 318 -7.81 23.50 5.42
C ARG A 318 -7.64 22.04 4.95
N MSE A 319 -6.55 21.40 5.34
CA MSE A 319 -6.29 20.02 4.90
C MSE A 319 -6.16 19.14 6.11
O MSE A 319 -5.70 19.58 7.15
CB MSE A 319 -4.97 19.90 4.13
CG MSE A 319 -4.94 20.54 2.76
SE MSE A 319 -3.19 20.29 1.98
CE MSE A 319 -3.62 20.99 0.25
N GLU A 320 -6.51 17.87 5.96
CA GLU A 320 -6.25 16.89 7.02
C GLU A 320 -5.86 15.53 6.47
N LEU A 321 -4.96 14.87 7.18
CA LEU A 321 -4.39 13.62 6.72
C LEU A 321 -5.49 12.59 6.57
N ALA A 322 -5.57 11.96 5.41
CA ALA A 322 -6.51 10.84 5.23
C ALA A 322 -5.71 9.56 5.15
N ASP A 323 -5.96 8.74 4.13
CA ASP A 323 -5.22 7.50 3.90
C ASP A 323 -3.70 7.71 3.74
N THR A 324 -2.89 6.81 4.31
CA THR A 324 -1.43 6.99 4.33
C THR A 324 -0.67 5.68 4.42
N THR A 325 0.48 5.62 3.75
CA THR A 325 1.38 4.49 3.89
C THR A 325 2.78 5.02 4.21
N THR A 326 3.49 4.37 5.13
CA THR A 326 4.79 4.89 5.53
C THR A 326 5.77 3.81 5.98
N GLY A 327 7.05 4.01 5.64
CA GLY A 327 8.09 3.10 6.11
C GLY A 327 9.51 3.44 5.69
N HIS A 328 10.34 2.40 5.59
CA HIS A 328 11.76 2.52 5.23
C HIS A 328 12.15 1.66 4.03
N ILE A 329 13.06 2.16 3.21
CA ILE A 329 13.46 1.47 2.00
C ILE A 329 14.79 0.77 2.21
N GLY A 330 15.59 1.32 3.11
CA GLY A 330 17.00 0.94 3.21
C GLY A 330 17.80 1.65 2.11
N ASP A 331 18.65 0.91 1.41
CA ASP A 331 19.42 1.50 0.34
C ASP A 331 18.56 1.48 -0.90
N LEU A 332 18.33 2.64 -1.53
CA LEU A 332 17.59 2.63 -2.78
C LEU A 332 18.52 2.41 -3.95
N THR A 333 19.07 1.22 -3.97
CA THR A 333 19.87 0.76 -5.08
C THR A 333 18.96 0.22 -6.19
N GLU A 334 17.75 -0.20 -5.83
CA GLU A 334 16.82 -0.62 -6.89
C GLU A 334 15.44 0.02 -6.79
N PRO A 335 14.83 0.30 -7.96
CA PRO A 335 13.49 0.88 -8.03
C PRO A 335 12.54 0.07 -7.15
N THR A 336 11.64 0.72 -6.46
CA THR A 336 10.72 -0.01 -5.61
C THR A 336 9.36 0.61 -5.67
N PHE A 337 8.36 -0.25 -5.63
CA PHE A 337 6.98 0.17 -5.75
C PHE A 337 6.31 0.20 -4.39
N PHE A 338 5.44 1.17 -4.21
CA PHE A 338 4.70 1.32 -2.98
C PHE A 338 3.28 1.60 -3.38
N GLY A 339 2.34 0.98 -2.70
CA GLY A 339 0.93 1.16 -3.01
C GLY A 339 0.24 2.02 -2.00
N LEU A 340 -0.84 2.68 -2.43
CA LEU A 340 -1.71 3.43 -1.54
C LEU A 340 -3.09 3.28 -2.09
N THR A 341 -4.04 2.95 -1.22
CA THR A 341 -5.43 2.87 -1.61
C THR A 341 -6.18 4.08 -1.06
N ALA A 342 -6.77 4.86 -1.95
CA ALA A 342 -7.52 6.02 -1.50
C ALA A 342 -9.03 5.79 -1.47
N HIS A 343 -9.64 5.99 -0.31
CA HIS A 343 -11.11 6.11 -0.31
C HIS A 343 -11.50 7.56 -0.06
N TYR A 344 -12.17 8.16 -1.05
CA TYR A 344 -12.46 9.58 -0.98
C TYR A 344 -13.73 9.86 -0.20
N THR A 345 -13.75 9.38 1.04
CA THR A 345 -14.88 9.58 1.93
C THR A 345 -15.43 10.98 1.84
N ASP A 346 -16.73 11.09 1.58
CA ASP A 346 -17.37 12.39 1.55
C ASP A 346 -18.05 12.69 2.88
N ALA A 347 -17.73 13.83 3.47
CA ALA A 347 -18.37 14.31 4.70
C ALA A 347 -18.86 15.71 4.40
N PRO A 348 -19.90 16.17 5.13
CA PRO A 348 -20.25 17.57 4.82
C PRO A 348 -19.04 18.45 5.13
N GLY A 349 -18.67 19.33 4.19
CA GLY A 349 -17.51 20.20 4.38
C GLY A 349 -16.34 19.75 3.53
N THR A 350 -16.30 18.46 3.22
CA THR A 350 -15.29 17.92 2.34
C THR A 350 -15.36 18.55 0.95
N LEU A 351 -14.24 19.11 0.49
CA LEU A 351 -14.19 19.69 -0.86
C LEU A 351 -13.62 18.70 -1.89
N ASP A 352 -12.43 18.18 -1.60
CA ASP A 352 -11.78 17.20 -2.46
C ASP A 352 -10.59 16.63 -1.73
N TYR A 353 -9.79 15.83 -2.43
CA TYR A 353 -8.58 15.26 -1.87
C TYR A 353 -7.38 15.50 -2.81
N HIS A 354 -6.19 15.58 -2.21
CA HIS A 354 -4.95 15.64 -2.96
C HIS A 354 -4.11 14.43 -2.58
N ALA A 355 -3.26 13.97 -3.51
CA ALA A 355 -2.35 12.88 -3.23
C ALA A 355 -0.97 13.48 -3.17
N LEU A 356 -0.15 13.02 -2.21
CA LEU A 356 1.21 13.52 -2.09
C LEU A 356 2.15 12.40 -1.66
N GLY A 357 3.39 12.48 -2.14
CA GLY A 357 4.43 11.56 -1.70
C GLY A 357 5.64 12.34 -1.23
N LEU A 358 6.09 12.01 -0.03
CA LEU A 358 7.29 12.59 0.55
C LEU A 358 8.33 11.51 0.83
N VAL A 359 9.55 11.73 0.36
CA VAL A 359 10.69 10.87 0.66
C VAL A 359 11.85 11.68 1.22
N TYR A 360 12.53 11.07 2.18
CA TYR A 360 13.66 11.69 2.85
C TYR A 360 14.76 10.66 2.90
N ALA A 361 15.94 11.01 2.39
CA ALA A 361 17.07 10.07 2.42
C ALA A 361 18.41 10.77 2.67
N TYR A 362 19.46 9.97 2.78
CA TYR A 362 20.80 10.48 2.98
C TYR A 362 21.70 10.03 1.85
N VAL A 363 22.44 10.97 1.30
CA VAL A 363 23.53 10.66 0.41
C VAL A 363 24.75 10.55 1.30
N GLU A 364 25.38 9.38 1.35
CA GLU A 364 26.58 9.21 2.16
C GLU A 364 27.84 9.41 1.34
N ARG A 365 28.50 10.54 1.59
CA ARG A 365 29.72 10.91 0.91
C ARG A 365 30.88 10.02 1.34
N ASP A 366 31.83 9.80 0.43
CA ASP A 366 32.95 8.90 0.71
C ASP A 366 33.67 9.23 2.00
N ASP A 367 33.63 10.48 2.46
CA ASP A 367 34.24 10.85 3.74
C ASP A 367 33.37 10.52 4.95
N GLY A 368 32.24 9.85 4.74
CA GLY A 368 31.41 9.42 5.86
C GLY A 368 30.36 10.44 6.30
N VAL A 369 30.54 11.69 5.90
CA VAL A 369 29.50 12.69 6.15
C VAL A 369 28.21 12.26 5.44
N LYS A 370 27.06 12.49 6.08
CA LYS A 370 25.76 12.10 5.49
C LYS A 370 24.85 13.28 5.17
N ILE A 371 24.56 13.49 3.89
CA ILE A 371 23.79 14.67 3.44
C ILE A 371 22.30 14.37 3.19
N PRO A 372 21.40 15.02 3.95
CA PRO A 372 19.96 14.71 3.88
C PRO A 372 19.30 15.30 2.63
N ILE A 373 18.54 14.49 1.90
CA ILE A 373 17.79 15.01 0.77
C ILE A 373 16.34 14.61 0.89
N TRP A 374 15.46 15.41 0.27
CA TRP A 374 14.05 15.12 0.29
C TRP A 374 13.44 15.33 -1.07
N LEU A 375 12.33 14.63 -1.33
CA LEU A 375 11.55 14.84 -2.53
C LEU A 375 10.06 14.87 -2.20
N ALA A 376 9.35 15.75 -2.88
CA ALA A 376 7.91 15.81 -2.79
C ALA A 376 7.39 15.68 -4.20
N ALA A 377 6.37 14.85 -4.39
CA ALA A 377 5.81 14.65 -5.71
C ALA A 377 4.33 14.50 -5.54
N GLU A 378 3.58 15.36 -6.23
CA GLU A 378 2.13 15.33 -6.13
C GLU A 378 1.50 14.94 -7.47
N PRO A 379 0.85 13.76 -7.50
CA PRO A 379 0.17 13.30 -8.70
C PRO A 379 -0.90 14.30 -9.05
N MSE A 380 -0.93 14.74 -10.31
CA MSE A 380 -1.83 15.81 -10.72
C MSE A 380 -3.24 15.26 -10.92
O MSE A 380 -3.78 15.29 -12.03
CB MSE A 380 -1.29 16.46 -11.97
CG MSE A 380 0.04 17.17 -11.74
SE MSE A 380 -0.24 18.71 -10.61
CE MSE A 380 -0.77 19.81 -12.10
N ILE A 381 -3.81 14.71 -9.86
CA ILE A 381 -5.11 14.10 -9.95
C ILE A 381 -6.18 15.15 -9.68
N SER A 382 -7.42 14.77 -9.85
CA SER A 382 -8.51 15.63 -9.40
C SER A 382 -9.63 14.72 -8.91
N VAL A 383 -10.21 15.07 -7.77
CA VAL A 383 -11.32 14.30 -7.26
C VAL A 383 -12.61 14.99 -7.60
N LEU A 384 -13.46 14.33 -8.37
CA LEU A 384 -14.71 14.94 -8.83
C LEU A 384 -15.86 14.65 -7.87
N SER A 385 -16.89 15.48 -7.92
CA SER A 385 -18.12 15.22 -7.17
C SER A 385 -19.20 14.71 -8.12
N ASN A 386 -20.22 14.03 -7.59
CA ASN A 386 -21.28 13.54 -8.44
C ASN A 386 -22.10 14.66 -9.07
N THR A 387 -22.05 14.77 -10.39
CA THR A 387 -22.80 15.81 -11.08
C THR A 387 -24.08 15.31 -11.76
N TYR A 388 -24.38 14.02 -11.62
CA TYR A 388 -25.61 13.45 -12.19
C TYR A 388 -25.57 13.49 -13.71
N THR A 389 -24.90 12.52 -14.30
CA THR A 389 -24.77 12.50 -15.74
C THR A 389 -26.13 12.33 -16.36
N VAL A 390 -26.41 13.14 -17.37
CA VAL A 390 -27.66 13.04 -18.08
C VAL A 390 -27.56 12.01 -19.20
N MSE A 391 -26.41 11.95 -19.84
CA MSE A 391 -26.22 11.01 -20.93
C MSE A 391 -25.53 9.74 -20.50
O MSE A 391 -24.38 9.47 -20.84
CB MSE A 391 -25.45 11.70 -22.03
CG MSE A 391 -25.91 13.10 -22.15
SE MSE A 391 -26.03 13.68 -23.96
CE MSE A 391 -27.01 12.13 -24.67
N LYS A 392 -26.26 8.93 -19.72
CA LYS A 392 -25.81 7.63 -19.33
C LYS A 392 -25.57 6.77 -20.59
N ASP A 393 -24.61 5.85 -20.54
CA ASP A 393 -24.34 5.03 -21.70
C ASP A 393 -25.61 4.26 -22.11
N GLN A 394 -26.32 3.70 -21.14
CA GLN A 394 -27.51 2.91 -21.47
C GLN A 394 -28.46 3.71 -22.34
N ASP A 395 -28.73 4.94 -21.91
CA ASP A 395 -29.67 5.82 -22.59
C ASP A 395 -29.15 6.20 -23.96
N VAL A 396 -27.86 6.40 -24.07
CA VAL A 396 -27.26 6.65 -25.37
C VAL A 396 -27.42 5.44 -26.28
N LYS A 397 -27.30 4.26 -25.69
CA LYS A 397 -27.46 3.03 -26.45
C LYS A 397 -28.91 2.87 -26.88
N ASN A 398 -29.87 3.10 -25.98
CA ASN A 398 -31.29 3.06 -26.35
C ASN A 398 -31.55 3.98 -27.53
N LEU A 399 -31.05 5.21 -27.41
CA LEU A 399 -31.28 6.25 -28.41
C LEU A 399 -30.82 5.77 -29.77
N ILE A 400 -29.61 5.22 -29.84
CA ILE A 400 -29.09 4.71 -31.10
C ILE A 400 -29.99 3.60 -31.63
N ASP A 401 -30.52 2.77 -30.75
CA ASP A 401 -31.37 1.68 -31.16
C ASP A 401 -32.65 2.22 -31.74
N LEU A 402 -33.20 3.22 -31.08
CA LEU A 402 -34.33 3.93 -31.64
C LEU A 402 -34.00 4.39 -33.06
N TYR A 403 -32.84 5.00 -33.26
CA TYR A 403 -32.51 5.48 -34.60
C TYR A 403 -32.69 4.35 -35.61
N LYS A 404 -32.10 3.19 -35.34
CA LYS A 404 -32.22 2.06 -36.26
C LYS A 404 -33.66 1.59 -36.47
N LYS A 405 -34.43 1.51 -35.38
CA LYS A 405 -35.84 1.16 -35.46
C LYS A 405 -36.62 2.28 -36.11
N LYS A 406 -35.94 3.36 -36.48
CA LYS A 406 -36.58 4.49 -37.15
C LYS A 406 -37.63 5.20 -36.31
N ASP A 407 -37.58 5.03 -35.00
CA ASP A 407 -38.62 5.58 -34.14
C ASP A 407 -38.37 7.05 -33.80
N ARG A 408 -38.67 7.94 -34.74
CA ARG A 408 -38.27 9.34 -34.63
C ARG A 408 -39.04 10.08 -33.55
N GLU A 409 -40.18 9.53 -33.19
CA GLU A 409 -41.00 10.15 -32.19
C GLU A 409 -40.42 9.89 -30.80
N LYS A 410 -39.79 8.72 -30.64
CA LYS A 410 -39.21 8.38 -29.34
C LYS A 410 -37.83 9.04 -29.21
N ILE A 411 -37.13 9.12 -30.34
CA ILE A 411 -35.89 9.85 -30.35
C ILE A 411 -36.20 11.25 -29.87
N ASN A 412 -37.31 11.80 -30.35
CA ASN A 412 -37.75 13.13 -29.96
C ASN A 412 -38.10 13.23 -28.48
N ALA A 413 -38.87 12.28 -27.98
CA ALA A 413 -39.26 12.30 -26.58
C ALA A 413 -38.04 12.36 -25.68
N THR A 414 -37.07 11.48 -25.96
CA THR A 414 -35.87 11.32 -25.15
C THR A 414 -34.97 12.55 -25.17
N THR A 415 -34.70 13.05 -26.37
CA THR A 415 -33.95 14.27 -26.57
C THR A 415 -34.50 15.36 -25.66
N LYS A 416 -35.80 15.57 -25.76
CA LYS A 416 -36.48 16.57 -24.97
C LYS A 416 -36.29 16.30 -23.48
N ALA A 417 -36.40 15.05 -23.09
CA ALA A 417 -36.21 14.69 -21.68
C ALA A 417 -34.82 15.06 -21.20
N MSE A 418 -33.82 14.68 -21.99
CA MSE A 418 -32.43 14.95 -21.69
C MSE A 418 -32.16 16.43 -21.61
O MSE A 418 -31.39 16.87 -20.76
CB MSE A 418 -31.53 14.34 -22.77
CG MSE A 418 -31.17 12.90 -22.52
SE MSE A 418 -30.47 12.10 -24.13
CE MSE A 418 -29.85 10.43 -23.35
N ILE A 419 -32.77 17.17 -22.52
CA ILE A 419 -32.58 18.62 -22.57
C ILE A 419 -33.10 19.29 -21.31
N ASN A 420 -34.20 18.78 -20.76
CA ASN A 420 -34.69 19.29 -19.49
C ASN A 420 -33.67 19.11 -18.39
N SER A 421 -33.02 17.98 -18.38
CA SER A 421 -32.02 17.70 -17.38
C SER A 421 -30.83 18.63 -17.50
N LEU A 422 -30.40 18.91 -18.73
CA LEU A 422 -29.29 19.83 -18.95
C LEU A 422 -29.66 21.27 -18.59
N GLN A 423 -30.89 21.66 -18.93
CA GLN A 423 -31.39 22.96 -18.51
C GLN A 423 -31.26 23.07 -16.99
N GLU A 424 -31.53 21.97 -16.30
CA GLU A 424 -31.41 21.99 -14.86
C GLU A 424 -29.97 22.16 -14.42
N LYS A 425 -29.06 21.40 -15.00
CA LYS A 425 -27.63 21.57 -14.71
C LYS A 425 -27.16 23.00 -15.00
N ILE A 426 -27.75 23.62 -16.03
CA ILE A 426 -27.46 25.01 -16.33
C ILE A 426 -27.92 25.93 -15.20
N ASP A 427 -29.13 25.70 -14.71
CA ASP A 427 -29.64 26.48 -13.59
C ASP A 427 -28.68 26.51 -12.42
N GLU A 428 -27.95 25.42 -12.20
CA GLU A 428 -27.06 25.34 -11.04
C GLU A 428 -25.73 25.96 -11.34
N ALA A 429 -25.32 25.88 -12.60
CA ALA A 429 -24.13 26.56 -13.05
C ALA A 429 -24.35 28.05 -12.85
N GLU A 430 -25.60 28.48 -13.05
CA GLU A 430 -25.98 29.89 -12.92
C GLU A 430 -25.87 30.33 -11.47
N GLN A 431 -26.02 29.39 -10.55
CA GLN A 431 -25.92 29.70 -9.13
C GLN A 431 -24.46 29.88 -8.74
N LEU A 432 -23.61 29.09 -9.36
CA LEU A 432 -22.19 29.23 -9.14
C LEU A 432 -21.69 30.53 -9.71
N LEU A 433 -22.16 30.88 -10.91
CA LEU A 433 -21.78 32.13 -11.53
C LEU A 433 -22.14 33.26 -10.58
N ALA A 434 -23.24 33.09 -9.86
CA ALA A 434 -23.71 34.13 -8.98
C ALA A 434 -22.70 34.33 -7.86
N LYS A 435 -22.45 33.26 -7.09
CA LYS A 435 -21.51 33.32 -5.99
C LYS A 435 -20.16 33.81 -6.47
N ALA A 436 -19.72 33.32 -7.63
CA ALA A 436 -18.42 33.69 -8.17
C ALA A 436 -18.35 35.21 -8.39
N LYS A 437 -19.40 35.77 -8.98
CA LYS A 437 -19.48 37.21 -9.17
C LYS A 437 -19.55 37.94 -7.83
N GLY A 438 -20.46 37.49 -6.98
CA GLY A 438 -20.55 37.99 -5.61
C GLY A 438 -19.24 38.09 -4.82
N MSE A 439 -18.49 36.98 -4.72
CA MSE A 439 -17.19 36.98 -4.03
C MSE A 439 -16.10 37.53 -4.92
O MSE A 439 -14.93 37.39 -4.62
CB MSE A 439 -16.78 35.56 -3.64
CG MSE A 439 -17.83 34.78 -2.96
SE MSE A 439 -17.99 35.39 -1.17
CE MSE A 439 -16.15 35.22 -0.62
N ASN A 440 -16.47 38.13 -6.04
CA ASN A 440 -15.46 38.67 -6.95
C ASN A 440 -14.27 37.69 -7.12
N ASN A 441 -14.59 36.44 -7.43
CA ASN A 441 -13.60 35.42 -7.74
C ASN A 441 -13.49 35.24 -9.25
N GLU A 442 -12.46 35.82 -9.85
CA GLU A 442 -12.38 35.87 -11.30
C GLU A 442 -12.42 34.48 -11.93
N ASN A 443 -11.67 33.53 -11.37
CA ASN A 443 -11.56 32.20 -11.98
C ASN A 443 -12.86 31.43 -11.91
N ALA A 444 -13.47 31.40 -10.72
CA ALA A 444 -14.75 30.74 -10.57
C ALA A 444 -15.72 31.33 -11.60
N ILE A 445 -15.74 32.65 -11.71
CA ILE A 445 -16.57 33.29 -12.73
C ILE A 445 -16.34 32.70 -14.13
N GLU A 446 -15.08 32.63 -14.54
CA GLU A 446 -14.79 32.08 -15.84
C GLU A 446 -15.19 30.63 -15.97
N TYR A 447 -15.00 29.85 -14.91
CA TYR A 447 -15.33 28.44 -14.95
C TYR A 447 -16.83 28.25 -15.04
N ALA A 448 -17.54 28.86 -14.09
CA ALA A 448 -18.98 28.74 -14.04
C ALA A 448 -19.62 29.17 -15.38
N GLN A 449 -19.11 30.23 -15.99
CA GLN A 449 -19.63 30.60 -17.29
C GLN A 449 -19.28 29.51 -18.32
N GLY A 450 -18.06 28.97 -18.22
CA GLY A 450 -17.64 27.91 -19.11
C GLY A 450 -18.60 26.74 -19.02
N ALA A 451 -18.99 26.37 -17.81
CA ALA A 451 -19.93 25.29 -17.62
C ALA A 451 -21.21 25.63 -18.38
N ILE A 452 -21.71 26.84 -18.19
CA ILE A 452 -22.96 27.24 -18.82
C ILE A 452 -22.87 27.14 -20.33
N ASP A 453 -21.75 27.57 -20.91
CA ASP A 453 -21.57 27.45 -22.35
C ASP A 453 -21.44 25.99 -22.84
N GLU A 454 -20.89 25.12 -22.00
CA GLU A 454 -20.74 23.72 -22.42
C GLU A 454 -22.09 23.02 -22.47
N TYR A 455 -22.86 23.16 -21.40
CA TYR A 455 -24.17 22.55 -21.29
C TYR A 455 -25.03 23.05 -22.43
N LYS A 456 -25.00 24.36 -22.68
CA LYS A 456 -25.70 24.99 -23.81
C LYS A 456 -25.32 24.34 -25.14
N ALA A 457 -24.05 24.04 -25.32
CA ALA A 457 -23.64 23.39 -26.57
C ALA A 457 -24.23 21.98 -26.67
N ALA A 458 -24.30 21.31 -25.54
CA ALA A 458 -24.82 19.96 -25.51
C ALA A 458 -26.30 19.98 -25.83
N ILE A 459 -27.04 20.90 -25.20
CA ILE A 459 -28.44 21.04 -25.52
C ILE A 459 -28.64 21.26 -27.02
N ASN A 460 -27.73 21.98 -27.65
CA ASN A 460 -27.87 22.26 -29.06
C ASN A 460 -27.60 21.04 -29.88
N ASP A 461 -26.57 20.28 -29.49
CA ASP A 461 -26.25 19.05 -30.21
C ASP A 461 -27.39 18.05 -30.12
N LEU A 462 -28.02 17.93 -28.96
CA LEU A 462 -29.21 17.08 -28.83
C LEU A 462 -30.32 17.50 -29.80
N GLN A 463 -30.53 18.81 -29.95
CA GLN A 463 -31.54 19.35 -30.87
C GLN A 463 -31.24 18.89 -32.29
N LYS A 464 -29.99 19.04 -32.70
CA LYS A 464 -29.63 18.66 -34.07
C LYS A 464 -29.61 17.14 -34.23
N ALA A 465 -29.18 16.45 -33.18
CA ALA A 465 -29.13 14.99 -33.22
C ALA A 465 -30.47 14.44 -33.65
N ALA A 466 -31.53 14.93 -33.02
CA ALA A 466 -32.86 14.41 -33.30
C ALA A 466 -33.27 14.58 -34.77
N GLN A 467 -32.62 15.49 -35.48
CA GLN A 467 -33.05 15.80 -36.84
C GLN A 467 -32.18 15.16 -37.90
N GLN A 468 -31.24 14.33 -37.49
CA GLN A 468 -30.31 13.74 -38.45
C GLN A 468 -30.93 12.54 -39.16
N ASP A 469 -30.55 12.34 -40.42
CA ASP A 469 -30.93 11.13 -41.09
C ASP A 469 -29.71 10.45 -41.71
N ASP A 470 -28.53 11.05 -41.52
CA ASP A 470 -27.31 10.30 -41.73
C ASP A 470 -26.91 9.67 -40.41
N TYR A 471 -26.48 8.42 -40.47
CA TYR A 471 -26.18 7.66 -39.25
C TYR A 471 -24.99 8.21 -38.49
N GLN A 472 -23.86 8.41 -39.18
CA GLN A 472 -22.67 8.91 -38.52
C GLN A 472 -22.94 10.28 -37.95
N MSE A 473 -23.77 11.05 -38.64
CA MSE A 473 -24.05 12.39 -38.20
C MSE A 473 -24.87 12.35 -36.91
O MSE A 473 -24.79 13.23 -36.05
CB MSE A 473 -24.77 13.14 -39.30
CG MSE A 473 -24.40 14.62 -39.36
SE MSE A 473 -22.47 14.81 -39.63
CE MSE A 473 -22.08 16.01 -38.16
N PHE A 474 -25.67 11.31 -36.76
CA PHE A 474 -26.48 11.17 -35.56
C PHE A 474 -25.54 10.79 -34.42
N LEU A 475 -24.68 9.81 -34.67
CA LEU A 475 -23.64 9.45 -33.73
C LEU A 475 -22.81 10.67 -33.34
N ASN A 476 -22.32 11.40 -34.36
CA ASN A 476 -21.43 12.52 -34.10
C ASN A 476 -22.02 13.57 -33.18
N TYR A 477 -23.28 13.90 -33.39
CA TYR A 477 -23.91 14.90 -32.55
C TYR A 477 -24.17 14.39 -31.12
N LEU A 478 -24.53 13.11 -30.99
CA LEU A 478 -24.67 12.53 -29.66
C LEU A 478 -23.32 12.56 -28.95
N ASN A 479 -22.27 12.20 -29.67
CA ASN A 479 -20.95 12.22 -29.09
C ASN A 479 -20.46 13.62 -28.71
N ALA A 480 -20.66 14.60 -29.60
CA ALA A 480 -20.35 15.98 -29.26
C ALA A 480 -21.12 16.35 -28.01
N ALA A 481 -22.40 16.04 -28.01
CA ALA A 481 -23.23 16.36 -26.87
C ALA A 481 -22.73 15.71 -25.56
N LYS A 482 -22.25 14.49 -25.66
CA LYS A 482 -21.74 13.78 -24.49
C LYS A 482 -20.50 14.46 -23.88
N LYS A 483 -19.52 14.75 -24.74
CA LYS A 483 -18.28 15.38 -24.31
C LYS A 483 -18.51 16.80 -23.82
N HIS A 484 -19.44 17.51 -24.46
CA HIS A 484 -19.82 18.83 -23.96
C HIS A 484 -20.35 18.72 -22.54
N GLU A 485 -21.19 17.72 -22.26
CA GLU A 485 -21.69 17.58 -20.90
C GLU A 485 -20.55 17.27 -19.91
N MSE A 486 -19.58 16.49 -20.37
CA MSE A 486 -18.41 16.14 -19.57
C MSE A 486 -17.57 17.38 -19.26
O MSE A 486 -17.11 17.58 -18.13
CB MSE A 486 -17.59 15.10 -20.31
CG MSE A 486 -18.21 13.72 -20.34
SE MSE A 486 -17.35 12.62 -21.73
CE MSE A 486 -17.90 10.83 -21.23
N ALA A 487 -17.38 18.22 -20.28
CA ALA A 487 -16.69 19.49 -20.17
C ALA A 487 -17.38 20.40 -19.15
N GLY A 488 -18.69 20.57 -19.30
CA GLY A 488 -19.47 21.36 -18.36
C GLY A 488 -19.36 20.81 -16.96
N ASP A 489 -19.39 19.49 -16.83
CA ASP A 489 -19.22 18.86 -15.51
C ASP A 489 -17.88 19.24 -14.88
N TYR A 490 -16.84 19.28 -15.70
CA TYR A 490 -15.52 19.66 -15.22
C TYR A 490 -15.56 21.09 -14.73
N TYR A 491 -16.07 22.00 -15.58
CA TYR A 491 -16.13 23.43 -15.27
C TYR A 491 -16.80 23.69 -13.94
N VAL A 492 -17.83 22.90 -13.67
CA VAL A 492 -18.60 23.04 -12.44
C VAL A 492 -17.77 22.59 -11.25
N ASN A 493 -17.09 21.45 -11.40
CA ASN A 493 -16.09 21.06 -10.42
C ASN A 493 -15.07 22.17 -10.21
N ALA A 494 -14.59 22.76 -11.30
CA ALA A 494 -13.57 23.79 -11.22
C ALA A 494 -14.05 25.03 -10.43
N ALA A 495 -15.20 25.56 -10.82
CA ALA A 495 -15.76 26.71 -10.13
C ALA A 495 -15.91 26.43 -8.64
N ARG A 496 -16.45 25.26 -8.31
CA ARG A 496 -16.70 24.88 -6.93
C ARG A 496 -15.41 24.82 -6.11
N LYS A 497 -14.36 24.29 -6.72
CA LYS A 497 -13.05 24.26 -6.08
C LYS A 497 -12.45 25.65 -5.96
N ALA A 498 -12.51 26.43 -7.04
CA ALA A 498 -11.99 27.80 -6.99
C ALA A 498 -12.63 28.56 -5.84
N LEU A 499 -13.96 28.57 -5.78
CA LEU A 499 -14.68 29.24 -4.70
C LEU A 499 -14.35 28.81 -3.28
N ASN A 500 -13.84 27.60 -3.08
CA ASN A 500 -13.60 27.12 -1.71
C ASN A 500 -12.16 26.87 -1.32
N GLY A 501 -11.23 27.51 -2.00
CA GLY A 501 -9.86 27.49 -1.54
C GLY A 501 -8.97 26.42 -2.13
N ASP A 502 -9.34 25.88 -3.28
CA ASP A 502 -8.45 24.96 -3.97
C ASP A 502 -8.35 25.34 -5.43
N LEU A 503 -7.68 26.45 -5.69
CA LEU A 503 -7.56 26.94 -7.05
C LEU A 503 -6.63 26.07 -7.89
N GLU A 504 -5.69 25.39 -7.24
CA GLU A 504 -4.77 24.52 -7.99
C GLU A 504 -5.54 23.41 -8.64
N GLN A 505 -6.27 22.63 -7.85
CA GLN A 505 -7.05 21.52 -8.42
C GLN A 505 -8.13 22.03 -9.39
N ALA A 506 -8.63 23.25 -9.13
CA ALA A 506 -9.56 23.92 -10.02
C ALA A 506 -8.97 24.09 -11.42
N LYS A 507 -7.68 24.39 -11.49
CA LYS A 507 -7.06 24.65 -12.78
C LYS A 507 -6.90 23.37 -13.58
N ILE A 508 -6.74 22.26 -12.87
CA ILE A 508 -6.71 20.97 -13.54
C ILE A 508 -8.09 20.68 -14.18
N ASP A 509 -9.14 20.75 -13.35
CA ASP A 509 -10.48 20.55 -13.87
C ASP A 509 -10.72 21.46 -15.09
N ALA A 510 -10.39 22.74 -14.99
CA ALA A 510 -10.65 23.68 -16.07
C ALA A 510 -9.91 23.31 -17.32
N GLU A 511 -8.70 22.78 -17.18
CA GLU A 511 -7.93 22.31 -18.32
C GLU A 511 -8.55 21.08 -18.98
N LYS A 512 -9.04 20.15 -18.16
CA LYS A 512 -9.76 18.99 -18.69
C LYS A 512 -10.97 19.45 -19.46
N ALA A 513 -11.66 20.45 -18.92
CA ALA A 513 -12.82 21.05 -19.60
C ALA A 513 -12.42 21.45 -21.00
N LYS A 514 -11.43 22.31 -21.11
CA LYS A 514 -11.01 22.80 -22.41
C LYS A 514 -10.75 21.63 -23.36
N GLU A 515 -10.22 20.54 -22.82
CA GLU A 515 -9.83 19.40 -23.65
C GLU A 515 -11.03 18.68 -24.23
N TYR A 516 -11.96 18.28 -23.36
CA TYR A 516 -13.16 17.59 -23.78
C TYR A 516 -14.05 18.48 -24.66
N SER A 517 -14.07 19.76 -24.36
CA SER A 517 -14.80 20.65 -25.23
C SER A 517 -14.22 20.61 -26.64
N ASN A 518 -12.89 20.64 -26.75
CA ASN A 518 -12.29 20.57 -28.07
C ASN A 518 -12.51 19.23 -28.75
N LEU A 519 -12.55 18.16 -27.97
CA LEU A 519 -12.84 16.86 -28.56
C LEU A 519 -14.24 16.90 -29.14
N ALA A 520 -15.17 17.47 -28.37
CA ALA A 520 -16.54 17.62 -28.84
C ALA A 520 -16.59 18.27 -30.22
N LYS A 521 -15.89 19.39 -30.37
CA LYS A 521 -15.97 20.16 -31.60
C LYS A 521 -15.42 19.42 -32.80
N GLU A 522 -14.64 18.37 -32.56
CA GLU A 522 -14.14 17.62 -33.70
C GLU A 522 -15.25 16.87 -34.40
N TYR A 523 -16.35 16.67 -33.67
CA TYR A 523 -17.49 15.96 -34.21
C TYR A 523 -18.57 16.87 -34.83
N GLU A 524 -18.52 18.16 -34.52
CA GLU A 524 -19.50 19.08 -35.06
C GLU A 524 -19.06 19.63 -36.41
N PRO A 525 -20.02 19.85 -37.33
CA PRO A 525 -19.67 20.30 -38.67
C PRO A 525 -19.17 21.72 -38.62
N MSE B 1 9.27 -28.22 -14.38
CA MSE B 1 10.30 -28.64 -15.38
C MSE B 1 11.44 -29.40 -14.72
O MSE B 1 11.60 -30.61 -14.90
CB MSE B 1 10.85 -27.42 -16.12
CG MSE B 1 10.08 -27.03 -17.36
SE MSE B 1 9.99 -25.09 -17.61
CE MSE B 1 8.51 -24.67 -16.41
N ASN B 2 12.23 -28.68 -13.93
CA ASN B 2 13.54 -29.17 -13.53
C ASN B 2 13.81 -29.11 -12.03
N ALA B 3 14.50 -30.11 -11.50
CA ALA B 3 14.50 -30.32 -10.05
C ALA B 3 15.75 -29.86 -9.28
N THR B 4 16.92 -30.33 -9.68
CA THR B 4 18.12 -30.10 -8.84
C THR B 4 18.63 -28.67 -8.84
N ILE B 5 18.44 -27.99 -9.97
CA ILE B 5 18.76 -26.57 -10.09
C ILE B 5 17.55 -25.71 -9.72
N ASN B 6 16.42 -25.95 -10.40
CA ASN B 6 15.20 -25.16 -10.24
C ASN B 6 14.48 -25.33 -8.90
N ASP B 7 14.58 -26.52 -8.33
CA ASP B 7 13.82 -26.86 -7.13
C ASP B 7 12.31 -26.78 -7.34
N ASP B 8 11.83 -27.01 -8.56
CA ASP B 8 10.37 -26.97 -8.76
C ASP B 8 9.71 -28.31 -8.47
N ASP B 9 10.36 -29.10 -7.62
CA ASP B 9 9.76 -30.26 -7.02
C ASP B 9 9.20 -29.85 -5.65
N ILE B 10 9.54 -28.64 -5.23
CA ILE B 10 8.98 -28.04 -4.01
C ILE B 10 7.60 -27.42 -4.28
N ASP B 11 6.57 -27.97 -3.64
CA ASP B 11 5.21 -27.51 -3.85
C ASP B 11 5.10 -25.99 -3.72
N ASP B 12 5.63 -25.44 -2.64
CA ASP B 12 5.60 -23.99 -2.47
C ASP B 12 5.92 -23.28 -3.77
N VAL B 13 6.95 -23.76 -4.46
CA VAL B 13 7.39 -23.14 -5.71
C VAL B 13 6.34 -23.33 -6.80
N LYS B 14 5.48 -24.33 -6.63
CA LYS B 14 4.42 -24.60 -7.61
C LYS B 14 3.23 -23.66 -7.44
N LYS B 15 3.14 -23.02 -6.27
CA LYS B 15 2.06 -22.09 -5.95
C LYS B 15 2.36 -20.65 -6.37
N ALA B 16 3.58 -20.37 -6.82
CA ALA B 16 3.93 -19.02 -7.26
C ALA B 16 3.00 -18.52 -8.38
N LEU B 17 2.82 -17.19 -8.46
CA LEU B 17 1.92 -16.58 -9.44
C LEU B 17 2.51 -15.30 -9.98
N ASP B 18 2.28 -15.03 -11.26
CA ASP B 18 2.68 -13.75 -11.82
C ASP B 18 1.78 -12.68 -11.26
N HIS B 19 0.49 -12.96 -11.22
CA HIS B 19 -0.46 -11.98 -10.74
C HIS B 19 -1.43 -12.51 -9.69
N ALA B 20 -1.63 -11.69 -8.66
CA ALA B 20 -2.30 -12.13 -7.48
C ALA B 20 -3.80 -11.86 -7.44
N THR B 21 -4.32 -11.14 -8.41
CA THR B 21 -5.68 -10.65 -8.28
C THR B 21 -6.79 -11.70 -8.41
N GLN B 22 -6.76 -12.52 -9.46
CA GLN B 22 -7.77 -13.54 -9.62
C GLN B 22 -7.67 -14.59 -8.54
N ALA B 23 -6.43 -14.97 -8.23
CA ALA B 23 -6.16 -15.99 -7.21
C ALA B 23 -6.82 -15.59 -5.91
N ALA B 24 -6.54 -14.37 -5.45
CA ALA B 24 -7.17 -13.82 -4.27
C ALA B 24 -8.68 -13.94 -4.31
N HIS B 25 -9.32 -13.46 -5.38
CA HIS B 25 -10.77 -13.56 -5.44
C HIS B 25 -11.27 -15.00 -5.29
N LYS B 26 -10.52 -15.95 -5.85
CA LYS B 26 -10.96 -17.34 -5.77
C LYS B 26 -10.72 -17.95 -4.38
N ALA B 27 -9.64 -17.57 -3.71
CA ALA B 27 -9.46 -18.00 -2.34
C ALA B 27 -10.52 -17.35 -1.46
N ALA B 28 -10.87 -16.11 -1.77
CA ALA B 28 -11.93 -15.42 -1.05
C ALA B 28 -13.17 -16.27 -1.12
N ALA B 29 -13.49 -16.70 -2.35
CA ALA B 29 -14.71 -17.46 -2.59
C ALA B 29 -14.67 -18.82 -1.91
N GLU B 30 -13.50 -19.45 -1.88
CA GLU B 30 -13.39 -20.77 -1.28
C GLU B 30 -13.56 -20.68 0.22
N LEU B 31 -12.93 -19.69 0.83
CA LEU B 31 -13.00 -19.49 2.27
C LEU B 31 -14.40 -19.10 2.69
N THR B 32 -15.06 -18.22 1.92
CA THR B 32 -16.40 -17.79 2.30
C THR B 32 -17.42 -18.90 2.14
N ALA B 33 -17.18 -19.80 1.20
CA ALA B 33 -18.07 -20.93 1.00
C ALA B 33 -18.11 -21.74 2.29
N LYS B 34 -16.99 -21.77 3.00
CA LYS B 34 -16.86 -22.53 4.23
C LYS B 34 -17.45 -21.77 5.40
N LEU B 35 -17.77 -20.49 5.19
CA LEU B 35 -18.26 -19.64 6.28
C LEU B 35 -19.73 -19.36 6.15
N ARG B 36 -20.34 -19.78 5.05
CA ARG B 36 -21.77 -19.56 4.90
C ARG B 36 -22.53 -20.43 5.91
N SER B 37 -23.68 -19.97 6.35
CA SER B 37 -24.47 -20.80 7.25
C SER B 37 -25.98 -20.78 6.96
N ASP B 38 -26.63 -21.88 7.33
CA ASP B 38 -28.07 -21.95 7.27
C ASP B 38 -28.58 -21.67 8.67
N PHE B 39 -29.79 -21.15 8.78
CA PHE B 39 -30.37 -20.91 10.09
C PHE B 39 -30.77 -22.21 10.75
N VAL B 40 -30.47 -22.34 12.03
CA VAL B 40 -30.94 -23.45 12.84
C VAL B 40 -31.70 -22.86 14.02
N GLU B 41 -32.52 -23.66 14.69
CA GLU B 41 -33.28 -23.11 15.81
C GLU B 41 -32.42 -23.02 17.06
N TYR B 42 -32.48 -21.88 17.73
CA TYR B 42 -31.65 -21.63 18.91
C TYR B 42 -32.42 -21.85 20.21
N GLY B 43 -33.74 -21.71 20.14
CA GLY B 43 -34.56 -21.77 21.34
C GLY B 43 -35.99 -21.36 21.03
N ASN B 44 -36.87 -21.49 22.04
CA ASN B 44 -38.28 -21.16 21.86
C ASN B 44 -39.00 -20.90 23.18
N GLY B 45 -40.27 -20.50 23.11
CA GLY B 45 -41.07 -20.20 24.28
C GLY B 45 -42.42 -19.62 23.88
N GLY B 46 -43.05 -18.90 24.80
CA GLY B 46 -44.41 -18.38 24.59
C GLY B 46 -45.44 -19.29 25.25
N THR B 47 -46.73 -18.93 25.15
CA THR B 47 -47.79 -19.75 25.76
C THR B 47 -48.67 -20.43 24.72
N ALA B 48 -48.81 -21.75 24.85
CA ALA B 48 -49.49 -22.57 23.86
C ALA B 48 -50.70 -21.91 23.20
N GLY B 49 -51.39 -21.04 23.93
CA GLY B 49 -52.58 -20.39 23.37
C GLY B 49 -52.36 -19.08 22.63
N GLN B 50 -51.47 -18.24 23.17
CA GLN B 50 -51.33 -16.83 22.75
C GLN B 50 -50.31 -16.59 21.65
N VAL B 51 -49.03 -16.57 22.03
CA VAL B 51 -47.96 -16.41 21.06
C VAL B 51 -46.88 -17.43 21.32
N LEU B 52 -46.48 -18.13 20.26
CA LEU B 52 -45.32 -19.00 20.34
C LEU B 52 -44.14 -18.27 19.70
N ILE B 53 -42.97 -18.44 20.31
CA ILE B 53 -41.78 -17.67 19.95
C ILE B 53 -40.60 -18.59 19.57
N HIS B 54 -40.19 -18.57 18.31
CA HIS B 54 -38.97 -19.27 17.91
C HIS B 54 -37.84 -18.31 17.53
N ILE B 55 -36.64 -18.62 17.99
CA ILE B 55 -35.45 -17.81 17.74
C ILE B 55 -34.49 -18.60 16.85
N TYR B 56 -34.04 -17.98 15.75
CA TYR B 56 -33.16 -18.66 14.81
C TYR B 56 -31.86 -17.90 14.59
N GLY B 57 -30.78 -18.64 14.36
CA GLY B 57 -29.51 -18.06 14.01
C GLY B 57 -28.73 -19.02 13.13
N PRO B 58 -27.57 -18.57 12.62
CA PRO B 58 -26.78 -19.43 11.74
C PRO B 58 -26.24 -20.58 12.54
N GLY B 59 -26.02 -21.72 11.88
CA GLY B 59 -25.37 -22.84 12.53
C GLY B 59 -23.93 -22.51 12.84
N LEU B 60 -23.36 -21.56 12.09
CA LEU B 60 -21.95 -21.24 12.24
C LEU B 60 -21.67 -19.76 12.42
N ILE B 61 -21.00 -19.43 13.51
CA ILE B 61 -20.58 -18.07 13.79
C ILE B 61 -19.09 -18.18 14.12
N TYR B 62 -18.26 -17.44 13.40
CA TYR B 62 -16.83 -17.44 13.70
C TYR B 62 -16.48 -16.38 14.70
N GLY B 63 -15.86 -16.80 15.79
CA GLY B 63 -15.25 -15.87 16.74
C GLY B 63 -16.19 -14.80 17.26
N PHE B 64 -15.88 -13.55 16.91
CA PHE B 64 -16.62 -12.42 17.46
C PHE B 64 -17.45 -11.74 16.39
N SER B 65 -18.04 -12.56 15.53
CA SER B 65 -18.79 -12.02 14.41
C SER B 65 -20.16 -11.56 14.85
N ALA B 66 -20.65 -10.52 14.22
CA ALA B 66 -22.05 -10.17 14.28
C ALA B 66 -22.79 -11.16 13.40
N PHE B 67 -24.05 -11.46 13.72
CA PHE B 67 -24.80 -12.46 12.97
C PHE B 67 -26.28 -12.11 12.94
N PRO B 68 -27.00 -12.63 11.92
CA PRO B 68 -28.45 -12.42 11.81
C PRO B 68 -29.22 -13.26 12.83
N VAL B 69 -30.27 -12.70 13.40
CA VAL B 69 -31.17 -13.45 14.27
C VAL B 69 -32.59 -13.32 13.71
N GLN B 70 -33.30 -14.43 13.60
CA GLN B 70 -34.69 -14.35 13.17
C GLN B 70 -35.61 -14.76 14.29
N ILE B 71 -36.73 -14.07 14.40
CA ILE B 71 -37.68 -14.32 15.46
C ILE B 71 -39.06 -14.56 14.88
N ARG B 72 -39.55 -15.78 15.04
CA ARG B 72 -40.84 -16.17 14.48
C ARG B 72 -41.89 -16.20 15.59
N LEU B 73 -42.95 -15.42 15.40
CA LEU B 73 -44.03 -15.36 16.37
C LEU B 73 -45.25 -16.00 15.74
N GLU B 74 -45.73 -17.07 16.36
CA GLU B 74 -46.97 -17.73 15.91
C GLU B 74 -48.13 -17.39 16.82
N ILE B 75 -49.08 -16.65 16.29
CA ILE B 75 -50.36 -16.47 16.94
C ILE B 75 -51.29 -17.61 16.51
N PRO B 76 -51.48 -18.60 17.39
CA PRO B 76 -52.35 -19.73 17.04
C PRO B 76 -53.75 -19.28 16.68
N ASN B 77 -54.48 -20.12 15.94
CA ASN B 77 -55.90 -19.83 15.73
C ASN B 77 -56.67 -19.86 17.05
N GLN B 78 -57.83 -19.23 17.07
CA GLN B 78 -58.61 -19.17 18.30
C GLN B 78 -59.99 -19.79 18.07
N PRO B 79 -60.54 -20.44 19.11
CA PRO B 79 -61.94 -20.85 19.06
C PRO B 79 -62.84 -19.65 18.75
N VAL B 80 -62.77 -18.60 19.56
CA VAL B 80 -63.48 -17.36 19.26
C VAL B 80 -62.65 -16.53 18.28
N PRO B 81 -63.26 -16.09 17.17
CA PRO B 81 -62.50 -15.36 16.16
C PRO B 81 -62.30 -13.86 16.47
N PHE B 82 -62.90 -13.37 17.55
CA PHE B 82 -62.76 -11.96 17.95
C PHE B 82 -61.67 -11.83 19.00
N ASN B 83 -61.20 -12.98 19.47
CA ASN B 83 -60.17 -13.01 20.49
C ASN B 83 -58.78 -12.85 19.89
N LYS B 84 -58.56 -11.67 19.30
CA LYS B 84 -57.34 -11.38 18.56
C LYS B 84 -56.22 -11.12 19.52
N VAL B 85 -55.01 -11.54 19.14
CA VAL B 85 -53.84 -11.28 19.98
C VAL B 85 -53.16 -9.98 19.53
N HIS B 86 -53.09 -9.00 20.43
CA HIS B 86 -52.43 -7.72 20.11
C HIS B 86 -51.00 -7.71 20.62
N ILE B 87 -50.08 -7.35 19.73
CA ILE B 87 -48.70 -7.18 20.17
C ILE B 87 -48.39 -5.70 20.24
N THR B 88 -47.87 -5.27 21.38
CA THR B 88 -47.60 -3.86 21.58
C THR B 88 -46.10 -3.58 21.57
N GLU B 89 -45.30 -4.62 21.79
CA GLU B 89 -43.85 -4.44 21.84
C GLU B 89 -43.08 -5.75 21.90
N VAL B 90 -42.07 -5.86 21.04
CA VAL B 90 -41.10 -6.94 21.17
C VAL B 90 -39.71 -6.40 21.51
N THR B 91 -39.06 -7.01 22.49
CA THR B 91 -37.69 -6.63 22.82
C THR B 91 -36.80 -7.83 22.64
N ALA B 92 -35.59 -7.60 22.12
CA ALA B 92 -34.61 -8.65 21.98
C ALA B 92 -33.21 -8.12 22.30
N TYR B 93 -32.38 -8.94 22.91
CA TYR B 93 -31.00 -8.57 23.20
C TYR B 93 -30.16 -9.80 23.61
N VAL B 94 -28.84 -9.70 23.44
CA VAL B 94 -27.95 -10.73 23.90
C VAL B 94 -27.78 -10.51 25.39
N ILE B 95 -27.68 -11.58 26.17
CA ILE B 95 -27.40 -11.47 27.61
C ILE B 95 -26.26 -12.41 27.98
N ASP B 96 -25.29 -11.90 28.72
CA ASP B 96 -24.14 -12.70 29.12
C ASP B 96 -24.38 -13.23 30.53
N GLU B 97 -23.44 -14.02 31.04
CA GLU B 97 -23.68 -14.72 32.29
C GLU B 97 -23.43 -13.93 33.56
N ASN B 98 -23.14 -12.65 33.46
CA ASN B 98 -23.22 -11.87 34.67
C ASN B 98 -24.19 -10.72 34.47
N ASN B 99 -25.25 -11.01 33.75
CA ASN B 99 -26.45 -10.18 33.75
C ASN B 99 -26.34 -8.85 32.98
N ARG B 100 -25.49 -8.82 31.97
CA ARG B 100 -25.36 -7.61 31.18
C ARG B 100 -25.99 -7.88 29.83
N THR B 101 -26.51 -6.83 29.20
CA THR B 101 -27.22 -7.00 27.95
C THR B 101 -26.66 -6.18 26.81
N TYR B 102 -26.85 -6.66 25.59
CA TYR B 102 -26.23 -6.02 24.44
C TYR B 102 -27.13 -6.01 23.22
N TRP B 103 -27.01 -4.95 22.43
CA TRP B 103 -27.61 -4.87 21.11
C TRP B 103 -29.13 -4.96 21.18
N THR B 104 -29.67 -4.47 22.28
CA THR B 104 -31.11 -4.43 22.47
C THR B 104 -31.73 -3.85 21.22
N ARG B 105 -32.81 -4.49 20.79
CA ARG B 105 -33.62 -4.03 19.66
C ARG B 105 -35.12 -4.09 20.07
N VAL B 106 -35.83 -2.99 19.85
CA VAL B 106 -37.21 -2.89 20.26
C VAL B 106 -38.10 -2.63 19.07
N TRP B 107 -39.09 -3.50 18.89
CA TRP B 107 -40.16 -3.22 17.95
C TRP B 107 -41.36 -2.63 18.73
N ASN B 108 -41.79 -1.42 18.37
CA ASN B 108 -42.90 -0.77 19.07
C ASN B 108 -44.27 -1.05 18.43
N SER B 109 -45.33 -0.69 19.15
CA SER B 109 -46.69 -1.04 18.74
C SER B 109 -46.96 -0.73 17.28
N SER B 110 -46.33 0.32 16.79
CA SER B 110 -46.61 0.79 15.45
C SER B 110 -46.08 -0.16 14.38
N THR B 111 -45.29 -1.15 14.76
CA THR B 111 -44.82 -2.09 13.75
C THR B 111 -45.82 -3.23 13.52
N PHE B 112 -46.74 -3.42 14.45
CA PHE B 112 -47.72 -4.50 14.32
C PHE B 112 -49.13 -4.01 13.97
N ARG B 113 -49.97 -4.92 13.48
CA ARG B 113 -51.32 -4.55 13.05
C ARG B 113 -52.15 -4.09 14.23
N GLN B 114 -52.59 -2.83 14.18
CA GLN B 114 -53.62 -2.37 15.11
C GLN B 114 -54.83 -3.21 14.79
N GLY B 115 -55.38 -3.89 15.78
CA GLY B 115 -56.49 -4.79 15.50
C GLY B 115 -56.05 -6.23 15.57
N GLY B 116 -55.00 -6.48 16.34
CA GLY B 116 -54.61 -7.83 16.69
C GLY B 116 -54.33 -8.80 15.55
N TYR B 117 -53.89 -10.00 15.90
CA TYR B 117 -53.59 -11.08 14.98
C TYR B 117 -54.39 -12.32 15.37
N ILE B 118 -54.45 -13.30 14.47
CA ILE B 118 -55.13 -14.55 14.76
C ILE B 118 -54.79 -15.54 13.65
N ALA B 119 -54.42 -16.77 14.05
CA ALA B 119 -53.94 -17.74 13.08
C ALA B 119 -53.00 -17.01 12.14
N ASP B 120 -51.84 -16.60 12.68
CA ASP B 120 -50.89 -15.72 12.01
C ASP B 120 -49.46 -16.05 12.41
N THR B 121 -48.51 -15.78 11.51
CA THR B 121 -47.09 -15.85 11.87
C THR B 121 -46.35 -14.62 11.36
N LEU B 122 -45.63 -13.94 12.25
CA LEU B 122 -44.83 -12.79 11.87
C LEU B 122 -43.39 -13.21 11.99
N ASP B 123 -42.56 -12.70 11.07
CA ASP B 123 -41.11 -12.84 11.19
C ASP B 123 -40.48 -11.51 11.56
N LEU B 124 -39.57 -11.53 12.52
CA LEU B 124 -38.75 -10.37 12.83
C LEU B 124 -37.29 -10.69 12.53
N VAL B 125 -36.55 -9.72 12.00
CA VAL B 125 -35.15 -9.94 11.67
C VAL B 125 -34.30 -8.88 12.35
N THR B 126 -33.24 -9.31 13.02
CA THR B 126 -32.29 -8.36 13.58
C THR B 126 -30.84 -8.87 13.50
N VAL B 127 -29.91 -8.07 14.01
CA VAL B 127 -28.52 -8.48 14.03
C VAL B 127 -27.99 -8.39 15.45
N MSE B 128 -27.23 -9.42 15.83
CA MSE B 128 -26.65 -9.53 17.17
C MSE B 128 -25.16 -9.90 17.12
O MSE B 128 -24.60 -10.21 16.08
CB MSE B 128 -27.42 -10.56 17.98
CG MSE B 128 -28.91 -10.28 18.06
SE MSE B 128 -29.37 -9.09 19.53
CE MSE B 128 -30.69 -8.02 18.60
N LYS B 129 -24.53 -9.89 18.29
CA LYS B 129 -23.15 -10.23 18.43
C LYS B 129 -22.95 -10.62 19.88
N ALA B 130 -21.98 -11.47 20.15
CA ALA B 130 -21.70 -11.92 21.52
C ALA B 130 -20.84 -10.88 22.20
N PRO B 131 -20.72 -10.96 23.54
CA PRO B 131 -19.83 -10.04 24.28
C PRO B 131 -18.43 -10.04 23.64
N ASP B 132 -17.76 -8.91 23.66
CA ASP B 132 -16.54 -8.75 22.87
C ASP B 132 -15.52 -7.83 23.55
N PRO B 133 -14.60 -8.42 24.33
CA PRO B 133 -13.66 -7.62 25.13
C PRO B 133 -12.65 -6.83 24.29
N LEU B 134 -12.22 -7.37 23.15
CA LEU B 134 -11.11 -6.74 22.40
C LEU B 134 -11.44 -5.53 21.52
N VAL B 135 -12.68 -5.44 21.08
CA VAL B 135 -13.03 -4.48 20.05
C VAL B 135 -12.41 -3.06 20.12
N TYR B 136 -12.37 -2.43 21.29
CA TYR B 136 -11.92 -1.03 21.33
C TYR B 136 -10.41 -0.89 21.43
N GLN B 137 -9.78 -1.98 21.83
CA GLN B 137 -8.36 -2.02 21.87
C GLN B 137 -7.83 -2.20 20.47
N ILE B 138 -8.60 -2.86 19.62
CA ILE B 138 -8.22 -2.98 18.22
C ILE B 138 -8.46 -1.66 17.52
N ARG B 139 -9.59 -1.03 17.80
CA ARG B 139 -9.89 0.30 17.27
C ARG B 139 -8.72 1.23 17.57
N ASP B 140 -8.33 1.29 18.85
CA ASP B 140 -7.22 2.12 19.26
C ASP B 140 -5.94 1.76 18.56
N ALA B 141 -5.63 0.45 18.52
CA ALA B 141 -4.42 -0.03 17.88
C ALA B 141 -4.34 0.42 16.42
N ILE B 142 -5.50 0.47 15.75
CA ILE B 142 -5.52 0.87 14.35
C ILE B 142 -5.25 2.37 14.26
N VAL B 143 -5.89 3.14 15.13
CA VAL B 143 -5.76 4.57 15.05
C VAL B 143 -4.33 5.03 15.36
N THR B 144 -3.73 4.45 16.38
CA THR B 144 -2.44 4.92 16.85
C THR B 144 -1.26 4.14 16.27
N GLY B 145 -1.46 2.91 15.87
CA GLY B 145 -0.35 2.12 15.39
C GLY B 145 0.37 1.45 16.55
N GLN B 146 0.04 1.82 17.79
CA GLN B 146 0.65 1.14 18.94
C GLN B 146 0.12 -0.28 19.15
N ILE B 147 0.99 -1.25 18.98
CA ILE B 147 0.61 -2.64 19.19
C ILE B 147 1.67 -3.36 20.03
N SER B 148 1.45 -3.43 21.34
CA SER B 148 2.36 -4.14 22.22
C SER B 148 2.31 -5.63 21.91
N ARG B 149 3.33 -6.35 22.35
CA ARG B 149 3.35 -7.79 22.28
C ARG B 149 2.19 -8.32 23.11
N GLU B 150 1.83 -7.58 24.15
CA GLU B 150 0.83 -8.04 25.10
C GLU B 150 -0.52 -8.09 24.39
N LEU B 151 -0.88 -6.97 23.77
CA LEU B 151 -2.09 -6.91 22.97
C LEU B 151 -2.06 -7.99 21.91
N TYR B 152 -0.94 -8.11 21.20
CA TYR B 152 -0.79 -9.12 20.15
C TYR B 152 -1.13 -10.53 20.65
N ASP B 153 -0.54 -10.92 21.78
CA ASP B 153 -0.89 -12.21 22.38
C ASP B 153 -2.38 -12.33 22.66
N LYS B 154 -2.96 -11.28 23.27
CA LYS B 154 -4.39 -11.27 23.60
C LYS B 154 -5.29 -11.53 22.41
N ILE B 155 -4.92 -11.00 21.26
CA ILE B 155 -5.73 -11.22 20.08
C ILE B 155 -5.90 -12.71 19.85
N TRP B 156 -4.84 -13.50 20.04
CA TRP B 156 -4.91 -14.94 19.77
C TRP B 156 -5.31 -15.77 20.99
N ASN B 157 -5.32 -15.15 22.17
CA ASN B 157 -5.70 -15.81 23.41
C ASN B 157 -7.15 -15.64 23.81
N THR B 158 -7.68 -14.46 23.52
CA THR B 158 -9.02 -14.17 23.96
C THR B 158 -10.01 -15.04 23.22
N SER B 159 -10.78 -15.82 23.96
CA SER B 159 -11.77 -16.71 23.36
C SER B 159 -13.19 -16.17 23.55
N THR B 160 -14.14 -16.77 22.85
CA THR B 160 -15.54 -16.31 22.88
C THR B 160 -16.09 -16.41 24.28
N THR B 161 -17.19 -15.72 24.56
CA THR B 161 -17.81 -15.84 25.89
C THR B 161 -19.21 -16.42 25.80
N HIS B 162 -19.67 -17.02 26.91
CA HIS B 162 -21.02 -17.58 26.97
C HIS B 162 -22.03 -16.46 26.92
N PHE B 163 -23.19 -16.74 26.34
CA PHE B 163 -24.26 -15.76 26.23
C PHE B 163 -25.50 -16.45 25.68
N GLU B 164 -26.68 -15.97 26.05
CA GLU B 164 -27.90 -16.42 25.42
C GLU B 164 -28.58 -15.23 24.76
N ILE B 165 -29.62 -15.49 23.99
CA ILE B 165 -30.45 -14.43 23.43
C ILE B 165 -31.82 -14.51 24.09
N ARG B 166 -32.42 -13.36 24.35
CA ARG B 166 -33.68 -13.34 25.05
C ARG B 166 -34.68 -12.45 24.32
N VAL B 167 -35.90 -12.94 24.15
CA VAL B 167 -36.94 -12.13 23.56
C VAL B 167 -38.08 -11.97 24.56
N ILE B 168 -38.68 -10.78 24.61
CA ILE B 168 -39.84 -10.57 25.45
C ILE B 168 -40.95 -9.95 24.63
N VAL B 169 -42.10 -10.61 24.58
CA VAL B 169 -43.27 -10.08 23.84
C VAL B 169 -44.34 -9.56 24.80
N LYS B 170 -44.82 -8.36 24.52
CA LYS B 170 -45.84 -7.73 25.33
C LYS B 170 -47.05 -7.39 24.49
N GLY B 171 -48.22 -7.54 25.09
CA GLY B 171 -49.48 -7.24 24.41
C GLY B 171 -50.63 -7.76 25.24
N TYR B 172 -51.80 -7.80 24.62
CA TYR B 172 -53.01 -8.25 25.29
C TYR B 172 -53.86 -8.99 24.29
N GLN B 173 -54.60 -9.96 24.79
CA GLN B 173 -55.56 -10.68 23.98
C GLN B 173 -56.98 -10.28 24.36
N GLU B 174 -57.76 -9.88 23.37
CA GLU B 174 -59.16 -9.57 23.58
C GLU B 174 -59.91 -10.81 24.05
N ALA B 175 -60.89 -10.61 24.93
CA ALA B 175 -61.73 -11.70 25.43
C ALA B 175 -63.20 -11.36 25.14
N TRP B 176 -63.84 -12.14 24.27
CA TRP B 176 -65.25 -11.91 23.98
C TRP B 176 -66.11 -13.07 24.49
N LYS B 177 -67.24 -12.76 25.10
CA LYS B 177 -68.18 -13.79 25.51
C LYS B 177 -69.57 -13.53 24.88
N THR B 178 -70.48 -14.49 25.00
CA THR B 178 -71.83 -14.29 24.45
C THR B 178 -72.74 -13.60 25.46
N ASP B 179 -73.54 -12.65 24.97
CA ASP B 179 -74.58 -12.05 25.80
C ASP B 179 -75.93 -12.73 25.51
N SER B 180 -76.43 -13.48 26.48
CA SER B 180 -77.68 -14.22 26.32
C SER B 180 -78.89 -13.32 26.01
N SER B 181 -78.90 -12.12 26.59
CA SER B 181 -79.96 -11.14 26.34
C SER B 181 -80.44 -11.05 24.90
N VAL B 182 -79.51 -10.85 23.97
CA VAL B 182 -79.89 -10.62 22.59
C VAL B 182 -80.26 -11.92 21.89
N SER B 183 -81.39 -11.93 21.19
CA SER B 183 -81.85 -13.15 20.52
C SER B 183 -81.92 -12.96 19.01
N ASN B 184 -81.60 -11.76 18.55
CA ASN B 184 -81.59 -11.52 17.13
C ASN B 184 -80.67 -10.38 16.75
N GLN B 185 -79.96 -10.61 15.65
CA GLN B 185 -79.05 -9.66 15.04
C GLN B 185 -79.33 -8.18 15.37
N SER B 186 -80.56 -7.75 15.14
CA SER B 186 -80.94 -6.35 15.24
C SER B 186 -80.98 -5.80 16.67
N SER B 187 -80.75 -6.66 17.66
CA SER B 187 -80.71 -6.21 19.05
C SER B 187 -79.34 -6.43 19.65
N CYS B 188 -78.37 -6.75 18.81
CA CYS B 188 -77.01 -6.94 19.26
C CYS B 188 -76.28 -5.63 19.04
N PRO B 189 -75.86 -4.98 20.15
CA PRO B 189 -75.26 -3.66 20.10
C PRO B 189 -74.33 -3.49 18.90
N SER B 190 -74.21 -2.27 18.39
CA SER B 190 -73.43 -2.03 17.15
C SER B 190 -71.93 -2.32 17.33
N ASP B 191 -71.45 -2.30 18.57
CA ASP B 191 -70.05 -2.65 18.87
C ASP B 191 -69.84 -4.15 19.18
N GLY B 192 -70.92 -4.89 19.42
CA GLY B 192 -70.83 -6.35 19.51
C GLY B 192 -70.87 -7.00 18.13
N HIS B 193 -70.98 -8.32 18.08
CA HIS B 193 -71.12 -9.01 16.81
C HIS B 193 -72.19 -10.10 16.84
N TRP B 194 -72.92 -10.25 15.75
CA TRP B 194 -73.84 -11.35 15.61
C TRP B 194 -73.07 -12.44 14.89
N TYR B 195 -72.81 -13.53 15.59
CA TYR B 195 -71.96 -14.56 15.02
C TYR B 195 -72.31 -15.92 15.59
N GLU B 196 -72.35 -16.93 14.73
CA GLU B 196 -72.84 -18.22 15.15
C GLU B 196 -74.19 -18.10 15.86
N ASP B 197 -75.02 -17.15 15.40
CA ASP B 197 -76.38 -17.02 15.88
C ASP B 197 -76.40 -16.66 17.35
N ALA B 198 -75.41 -15.88 17.78
CA ALA B 198 -75.38 -15.34 19.13
C ALA B 198 -74.88 -13.91 19.09
N CYS B 199 -75.10 -13.20 20.18
CA CYS B 199 -74.57 -11.87 20.33
C CYS B 199 -73.27 -11.94 21.11
N TRP B 200 -72.18 -11.60 20.43
CA TRP B 200 -70.89 -11.58 21.07
C TRP B 200 -70.54 -10.19 21.57
N VAL B 201 -70.02 -10.14 22.78
CA VAL B 201 -69.66 -8.88 23.38
C VAL B 201 -68.22 -8.90 23.92
N HIS B 202 -67.51 -7.80 23.73
CA HIS B 202 -66.15 -7.67 24.23
C HIS B 202 -66.16 -7.60 25.75
N ASP B 203 -65.64 -8.63 26.41
CA ASP B 203 -65.66 -8.69 27.87
C ASP B 203 -64.47 -7.98 28.50
N LYS B 204 -63.27 -8.45 28.23
CA LYS B 204 -62.06 -7.82 28.78
C LYS B 204 -60.83 -7.99 27.86
N ASP B 205 -59.70 -7.47 28.30
CA ASP B 205 -58.42 -7.62 27.59
C ASP B 205 -57.36 -8.13 28.56
N ILE B 206 -56.85 -9.33 28.32
CA ILE B 206 -55.80 -9.85 29.19
C ILE B 206 -54.38 -9.48 28.72
N ASP B 207 -53.82 -8.47 29.37
CA ASP B 207 -52.41 -8.10 29.22
C ASP B 207 -51.52 -9.29 29.51
N PHE B 208 -50.52 -9.50 28.66
CA PHE B 208 -49.56 -10.57 28.88
C PHE B 208 -48.13 -10.08 28.66
N THR B 209 -47.17 -10.88 29.11
CA THR B 209 -45.75 -10.66 28.84
C THR B 209 -45.07 -12.01 28.69
N LEU B 210 -44.71 -12.38 27.47
CA LEU B 210 -44.09 -13.69 27.25
C LEU B 210 -42.59 -13.56 26.99
N LYS B 211 -41.82 -14.50 27.53
CA LYS B 211 -40.38 -14.50 27.36
C LYS B 211 -39.89 -15.77 26.70
N ALA B 212 -38.74 -15.66 26.04
CA ALA B 212 -38.10 -16.84 25.47
C ALA B 212 -36.60 -16.66 25.56
N GLU B 213 -35.89 -17.73 25.84
CA GLU B 213 -34.45 -17.65 25.93
C GLU B 213 -33.77 -18.87 25.30
N THR B 214 -32.74 -18.62 24.51
CA THR B 214 -32.00 -19.70 23.92
C THR B 214 -31.29 -20.44 25.04
N THR B 215 -30.65 -21.55 24.69
CA THR B 215 -29.88 -22.32 25.63
C THR B 215 -28.67 -22.81 24.88
N THR B 216 -27.51 -22.31 25.26
CA THR B 216 -26.27 -22.57 24.55
C THR B 216 -26.30 -21.95 23.15
N ALA B 217 -26.70 -20.69 23.07
CA ALA B 217 -26.54 -19.96 21.83
C ALA B 217 -25.05 -19.95 21.47
N TRP B 218 -24.23 -19.83 22.50
CA TRP B 218 -22.78 -19.76 22.31
C TRP B 218 -22.21 -21.03 21.68
N GLY B 219 -22.96 -22.11 21.73
CA GLY B 219 -22.53 -23.36 21.12
C GLY B 219 -22.36 -23.30 19.61
N HIS B 220 -22.85 -22.24 18.99
CA HIS B 220 -22.78 -22.09 17.54
C HIS B 220 -21.54 -21.32 17.10
N VAL B 221 -20.83 -20.78 18.07
CA VAL B 221 -19.61 -20.07 17.82
C VAL B 221 -18.42 -21.03 17.79
N THR B 222 -17.51 -20.78 16.86
CA THR B 222 -16.25 -21.50 16.82
C THR B 222 -15.09 -20.52 16.86
N GLY B 223 -14.08 -20.85 17.65
CA GLY B 223 -12.88 -20.05 17.69
C GLY B 223 -11.75 -20.78 17.00
N THR B 224 -12.01 -22.01 16.55
CA THR B 224 -10.97 -22.84 15.94
C THR B 224 -10.55 -22.36 14.56
N ASN B 225 -9.49 -21.58 14.54
CA ASN B 225 -8.96 -21.01 13.33
C ASN B 225 -8.75 -22.06 12.23
N ASP B 226 -8.78 -23.34 12.58
CA ASP B 226 -8.60 -24.45 11.63
C ASP B 226 -9.59 -24.44 10.47
N VAL B 227 -10.83 -24.09 10.79
CA VAL B 227 -11.88 -23.92 9.78
C VAL B 227 -11.41 -23.09 8.58
N ALA B 228 -10.63 -22.04 8.86
CA ALA B 228 -10.30 -20.98 7.88
C ALA B 228 -9.04 -21.24 7.06
N THR B 229 -9.14 -22.11 6.06
CA THR B 229 -7.96 -22.56 5.35
C THR B 229 -8.19 -22.42 3.87
N ILE B 230 -7.22 -21.88 3.15
CA ILE B 230 -7.30 -21.91 1.71
C ILE B 230 -6.39 -23.02 1.22
N ASP B 231 -6.65 -23.55 0.02
CA ASP B 231 -5.86 -24.66 -0.54
C ASP B 231 -4.35 -24.43 -0.69
N GLY B 232 -3.95 -23.70 -1.74
CA GLY B 232 -2.54 -23.42 -1.99
C GLY B 232 -2.00 -22.34 -1.05
N GLY B 233 -2.47 -22.38 0.19
CA GLY B 233 -2.03 -21.42 1.20
C GLY B 233 -0.60 -21.73 1.51
N MSE B 234 0.26 -20.73 1.39
CA MSE B 234 1.68 -20.91 1.67
C MSE B 234 1.96 -20.74 3.14
O MSE B 234 1.14 -20.17 3.88
CB MSE B 234 2.48 -19.88 0.84
CG MSE B 234 3.93 -19.69 1.30
SE MSE B 234 5.13 -20.91 0.44
CE MSE B 234 6.72 -20.33 1.37
N LEU B 235 3.11 -21.22 3.58
CA LEU B 235 3.53 -21.15 4.98
C LEU B 235 5.01 -20.73 5.13
N GLY B 236 5.31 -19.88 6.11
CA GLY B 236 6.68 -19.41 6.32
C GLY B 236 7.32 -18.86 5.06
N SER B 237 8.65 -18.94 4.96
CA SER B 237 9.37 -18.46 3.78
C SER B 237 10.03 -19.59 2.98
N LEU B 238 10.09 -19.44 1.66
CA LEU B 238 11.03 -20.24 0.85
C LEU B 238 12.46 -20.05 1.41
N PRO B 239 13.35 -21.02 1.16
CA PRO B 239 14.71 -20.84 1.67
C PRO B 239 15.43 -19.69 0.96
N ILE B 240 16.39 -19.07 1.66
CA ILE B 240 17.08 -17.85 1.19
C ILE B 240 17.61 -17.95 -0.23
N LYS B 241 18.09 -19.12 -0.60
CA LYS B 241 18.50 -19.38 -1.98
C LYS B 241 17.67 -18.55 -2.99
N PHE B 242 16.35 -18.54 -2.76
CA PHE B 242 15.39 -17.95 -3.71
C PHE B 242 15.44 -16.43 -3.72
N LEU B 243 16.11 -15.86 -2.74
CA LEU B 243 16.31 -14.43 -2.74
C LEU B 243 16.92 -14.02 -4.06
N GLN B 244 17.56 -14.98 -4.73
CA GLN B 244 18.32 -14.67 -5.94
C GLN B 244 17.62 -14.99 -7.25
N SER B 245 17.13 -16.22 -7.37
CA SER B 245 16.37 -16.61 -8.54
C SER B 245 15.15 -15.68 -8.70
N LEU B 246 14.44 -15.47 -7.59
CA LEU B 246 13.24 -14.60 -7.60
C LEU B 246 13.58 -13.16 -7.24
N ASP B 247 14.76 -12.69 -7.70
CA ASP B 247 15.16 -11.30 -7.49
C ASP B 247 14.40 -10.35 -8.44
N LEU B 248 13.92 -9.23 -7.88
CA LEU B 248 13.10 -8.26 -8.63
C LEU B 248 12.06 -8.95 -9.51
N SER B 249 11.72 -10.17 -9.12
CA SER B 249 10.59 -10.89 -9.70
C SER B 249 9.33 -10.54 -8.90
N GLY B 250 8.25 -10.25 -9.61
CA GLY B 250 6.98 -9.98 -8.96
C GLY B 250 6.23 -11.28 -8.74
N LYS B 251 6.85 -12.23 -8.06
CA LYS B 251 6.18 -13.48 -7.76
C LYS B 251 5.34 -13.33 -6.50
N TRP B 252 4.10 -13.80 -6.57
CA TRP B 252 3.23 -13.83 -5.44
C TRP B 252 2.96 -15.27 -5.08
N VAL B 253 2.69 -15.53 -3.82
CA VAL B 253 2.09 -16.78 -3.42
C VAL B 253 0.98 -16.41 -2.44
N LEU B 254 -0.10 -17.18 -2.37
CA LEU B 254 -1.13 -16.91 -1.38
C LEU B 254 -0.69 -17.47 -0.04
N TYR B 255 -0.98 -16.76 1.04
CA TYR B 255 -0.58 -17.21 2.36
C TYR B 255 -1.76 -17.67 3.18
N GLN B 256 -1.57 -18.68 4.01
CA GLN B 256 -2.58 -19.00 5.00
C GLN B 256 -2.57 -17.83 5.98
N ASN B 257 -3.70 -17.58 6.62
CA ASN B 257 -3.80 -16.52 7.58
C ASN B 257 -4.37 -17.07 8.86
N LYS B 258 -3.92 -16.50 9.95
CA LYS B 258 -4.39 -16.82 11.28
C LYS B 258 -5.39 -15.69 11.60
N TYR B 259 -6.64 -16.05 11.88
CA TYR B 259 -7.72 -15.08 12.03
C TYR B 259 -8.28 -14.99 13.45
N ALA B 260 -8.69 -13.79 13.83
CA ALA B 260 -9.37 -13.55 15.09
C ALA B 260 -10.39 -12.48 14.80
N GLY B 261 -11.56 -12.56 15.41
CA GLY B 261 -12.58 -11.52 15.26
C GLY B 261 -13.74 -11.87 14.35
N ALA B 262 -14.23 -10.89 13.61
CA ALA B 262 -15.51 -11.02 12.90
C ALA B 262 -15.43 -11.69 11.53
N LEU B 263 -14.77 -12.84 11.47
CA LEU B 263 -14.55 -13.54 10.21
C LEU B 263 -15.82 -13.89 9.42
N SER B 264 -16.94 -14.10 10.09
CA SER B 264 -18.15 -14.48 9.38
C SER B 264 -18.78 -13.25 8.74
N ASP B 265 -18.27 -12.08 9.09
CA ASP B 265 -18.78 -10.85 8.54
C ASP B 265 -17.98 -10.45 7.32
N PHE B 266 -16.65 -10.52 7.44
CA PHE B 266 -15.81 -10.20 6.30
C PHE B 266 -14.47 -10.87 6.47
N ILE B 267 -13.72 -11.01 5.38
CA ILE B 267 -12.45 -11.73 5.43
C ILE B 267 -11.34 -10.90 4.82
N ILE B 268 -10.11 -11.29 5.14
CA ILE B 268 -8.94 -10.81 4.43
C ILE B 268 -8.21 -11.99 3.78
N ILE B 269 -7.93 -11.89 2.49
CA ILE B 269 -7.00 -12.81 1.85
C ILE B 269 -5.65 -12.11 1.71
N THR B 270 -4.57 -12.84 1.97
CA THR B 270 -3.22 -12.31 1.81
C THR B 270 -2.44 -12.96 0.68
N ALA B 271 -1.90 -12.14 -0.23
CA ALA B 271 -0.86 -12.59 -1.15
C ALA B 271 0.43 -11.80 -0.85
N ALA B 272 1.58 -12.46 -0.98
CA ALA B 272 2.82 -11.79 -0.67
C ALA B 272 3.91 -12.49 -1.41
N SER B 273 5.05 -11.82 -1.56
CA SER B 273 6.18 -12.47 -2.17
C SER B 273 6.60 -13.63 -1.26
N PRO B 274 7.11 -14.72 -1.86
CA PRO B 274 7.26 -16.03 -1.19
C PRO B 274 8.52 -16.19 -0.35
N VAL B 275 9.40 -15.19 -0.35
CA VAL B 275 10.65 -15.35 0.36
C VAL B 275 10.91 -14.09 1.16
N HIS B 276 11.24 -14.24 2.44
CA HIS B 276 11.38 -13.12 3.38
C HIS B 276 12.66 -13.24 4.20
N VAL B 277 13.57 -12.29 4.06
CA VAL B 277 14.86 -12.42 4.74
C VAL B 277 15.30 -11.12 5.36
N LEU B 278 15.96 -11.19 6.51
CA LEU B 278 16.49 -10.00 7.11
C LEU B 278 17.18 -9.15 6.06
N ASN B 279 16.96 -7.84 6.13
CA ASN B 279 17.54 -6.88 5.20
C ASN B 279 17.11 -7.02 3.78
N SER B 280 16.12 -7.85 3.52
CA SER B 280 15.53 -7.80 2.19
C SER B 280 14.13 -7.17 2.23
N THR B 281 13.47 -7.15 1.09
CA THR B 281 12.22 -6.45 0.95
C THR B 281 11.18 -7.40 0.39
N ALA B 282 9.97 -7.37 0.95
CA ALA B 282 8.88 -8.22 0.49
C ALA B 282 7.69 -7.34 0.14
N MSE B 283 6.77 -7.88 -0.66
CA MSE B 283 5.55 -7.17 -0.96
C MSE B 283 4.28 -7.93 -0.61
O MSE B 283 4.19 -9.14 -0.78
CB MSE B 283 5.59 -6.70 -2.40
CG MSE B 283 6.60 -5.59 -2.52
SE MSE B 283 6.55 -4.70 -4.24
CE MSE B 283 4.64 -4.54 -4.51
N TYR B 284 3.30 -7.20 -0.10
CA TYR B 284 2.03 -7.78 0.32
C TYR B 284 0.88 -7.19 -0.46
N LYS B 285 -0.17 -7.99 -0.59
CA LYS B 285 -1.39 -7.57 -1.23
C LYS B 285 -2.52 -8.19 -0.44
N PHE B 286 -3.31 -7.33 0.21
CA PHE B 286 -4.43 -7.77 1.02
C PHE B 286 -5.76 -7.49 0.31
N LEU B 287 -6.65 -8.47 0.35
CA LEU B 287 -8.00 -8.29 -0.18
C LEU B 287 -8.98 -8.28 0.99
N ILE B 288 -9.70 -7.18 1.17
CA ILE B 288 -10.83 -7.17 2.09
C ILE B 288 -12.11 -7.40 1.29
N THR B 289 -12.87 -8.40 1.68
CA THR B 289 -14.09 -8.73 0.98
C THR B 289 -15.08 -9.39 1.96
N PRO B 290 -16.39 -9.15 1.75
CA PRO B 290 -17.38 -9.60 2.72
C PRO B 290 -17.65 -11.08 2.59
N ASN B 291 -18.17 -11.70 3.64
CA ASN B 291 -18.77 -13.02 3.52
C ASN B 291 -20.18 -12.84 2.95
N PRO B 292 -20.34 -13.14 1.65
CA PRO B 292 -21.53 -12.68 0.88
C PRO B 292 -22.84 -13.25 1.41
N GLY B 293 -23.81 -12.37 1.69
CA GLY B 293 -25.15 -12.79 2.14
C GLY B 293 -25.29 -13.37 3.55
N TYR B 294 -24.24 -13.32 4.35
CA TYR B 294 -24.27 -13.91 5.68
C TYR B 294 -25.34 -13.27 6.58
N PHE B 295 -25.73 -12.03 6.30
CA PHE B 295 -26.66 -11.31 7.14
C PHE B 295 -28.10 -11.46 6.67
N GLN B 296 -28.28 -12.12 5.55
CA GLN B 296 -29.64 -12.29 5.03
C GLN B 296 -30.42 -13.16 6.01
N PRO B 297 -31.73 -12.89 6.15
CA PRO B 297 -32.57 -11.91 5.43
C PRO B 297 -32.28 -10.44 5.76
N ALA B 298 -31.45 -10.17 6.75
CA ALA B 298 -31.08 -8.77 7.02
C ALA B 298 -30.10 -8.29 5.96
N ASN B 299 -29.88 -6.99 5.91
CA ASN B 299 -29.00 -6.43 4.90
C ASN B 299 -28.41 -5.10 5.33
N PRO B 300 -27.60 -5.11 6.40
CA PRO B 300 -27.00 -3.94 7.02
C PRO B 300 -25.80 -3.38 6.23
N LYS B 301 -25.57 -2.07 6.32
CA LYS B 301 -24.31 -1.51 5.87
C LYS B 301 -23.24 -2.02 6.80
N ILE B 302 -22.06 -2.24 6.23
CA ILE B 302 -20.83 -2.45 6.96
C ILE B 302 -19.84 -1.43 6.44
N SER B 303 -19.20 -0.68 7.32
CA SER B 303 -18.28 0.34 6.86
C SER B 303 -17.14 0.66 7.81
N ASP B 304 -15.89 0.53 7.32
CA ASP B 304 -14.79 1.51 7.57
C ASP B 304 -13.24 1.34 7.70
N GLU B 305 -12.65 1.28 8.89
CA GLU B 305 -11.21 1.63 8.98
C GLU B 305 -10.21 0.51 9.32
N TYR B 306 -8.97 0.65 8.83
CA TYR B 306 -8.01 -0.47 8.83
C TYR B 306 -6.54 -0.05 9.04
N ARG B 307 -5.70 -1.04 9.31
CA ARG B 307 -4.25 -0.83 9.29
C ARG B 307 -3.54 -2.13 8.95
N PHE B 308 -2.55 -2.05 8.06
CA PHE B 308 -1.67 -3.17 7.82
C PHE B 308 -0.28 -2.77 8.23
N VAL B 309 0.40 -3.65 8.95
CA VAL B 309 1.74 -3.37 9.47
C VAL B 309 2.69 -4.54 9.33
N THR B 310 3.97 -4.25 9.45
CA THR B 310 4.92 -5.26 9.84
C THR B 310 5.34 -4.92 11.26
N LEU B 311 5.59 -5.95 12.04
CA LEU B 311 6.05 -5.76 13.42
C LEU B 311 7.44 -6.39 13.58
N ARG B 312 8.39 -5.56 13.99
CA ARG B 312 9.72 -6.08 14.28
C ARG B 312 9.67 -6.69 15.66
N VAL B 313 10.08 -7.95 15.74
CA VAL B 313 10.27 -8.60 17.03
C VAL B 313 11.71 -8.43 17.47
N ILE B 314 11.91 -7.80 18.61
CA ILE B 314 13.25 -7.66 19.16
C ILE B 314 13.60 -8.86 20.04
N GLU B 315 14.88 -9.10 20.28
CA GLU B 315 15.25 -10.34 20.99
C GLU B 315 14.46 -10.62 22.28
N GLY B 316 14.26 -9.61 23.12
CA GLY B 316 13.38 -9.85 24.26
C GLY B 316 12.11 -10.64 23.94
N GLY B 317 11.49 -10.33 22.79
CA GLY B 317 10.12 -10.74 22.49
C GLY B 317 9.25 -9.48 22.34
N ARG B 318 9.83 -8.33 22.68
CA ARG B 318 9.17 -7.04 22.46
C ARG B 318 8.91 -6.83 20.96
N MSE B 319 7.89 -6.04 20.64
CA MSE B 319 7.49 -5.77 19.26
C MSE B 319 7.46 -4.28 19.03
O MSE B 319 6.99 -3.55 19.90
CB MSE B 319 6.09 -6.30 19.01
CG MSE B 319 5.99 -7.77 18.67
SE MSE B 319 4.15 -8.25 18.33
CE MSE B 319 4.45 -10.04 17.73
N GLU B 320 7.92 -3.80 17.89
CA GLU B 320 7.70 -2.39 17.55
C GLU B 320 7.26 -2.20 16.10
N LEU B 321 6.49 -1.14 15.88
CA LEU B 321 5.88 -0.88 14.57
C LEU B 321 6.90 -0.58 13.51
N ALA B 322 6.83 -1.27 12.38
CA ALA B 322 7.70 -0.95 11.24
C ALA B 322 6.86 -0.32 10.13
N ASP B 323 6.98 -0.83 8.92
CA ASP B 323 6.18 -0.33 7.80
C ASP B 323 4.69 -0.49 8.08
N THR B 324 3.91 0.54 7.75
CA THR B 324 2.48 0.46 7.95
C THR B 324 1.69 1.23 6.93
N THR B 325 0.45 0.80 6.71
CA THR B 325 -0.47 1.56 5.89
C THR B 325 -1.83 1.58 6.55
N THR B 326 -2.52 2.72 6.51
CA THR B 326 -3.75 2.88 7.25
C THR B 326 -4.70 3.86 6.58
N GLY B 327 -6.00 3.68 6.79
CA GLY B 327 -6.98 4.54 6.16
C GLY B 327 -8.39 3.98 6.31
N HIS B 328 -9.30 4.50 5.48
CA HIS B 328 -10.70 4.13 5.52
C HIS B 328 -11.12 3.45 4.22
N ILE B 329 -12.05 2.50 4.35
CA ILE B 329 -12.51 1.70 3.22
C ILE B 329 -13.85 2.22 2.75
N GLY B 330 -14.62 2.79 3.68
CA GLY B 330 -16.00 3.14 3.38
C GLY B 330 -16.84 1.88 3.41
N ASP B 331 -17.52 1.59 2.31
CA ASP B 331 -18.46 0.48 2.28
C ASP B 331 -17.72 -0.85 2.16
N LEU B 332 -17.76 -1.64 3.23
CA LEU B 332 -16.99 -2.87 3.30
C LEU B 332 -17.52 -3.97 2.41
N THR B 333 -18.62 -3.74 1.71
CA THR B 333 -19.18 -4.78 0.87
C THR B 333 -18.56 -4.81 -0.51
N GLU B 334 -17.87 -3.72 -0.87
CA GLU B 334 -16.98 -3.69 -2.05
C GLU B 334 -15.67 -4.43 -1.81
N PRO B 335 -15.38 -5.46 -2.61
CA PRO B 335 -14.05 -6.06 -2.49
C PRO B 335 -13.02 -4.98 -2.76
N THR B 336 -11.93 -4.95 -1.99
CA THR B 336 -10.98 -3.86 -2.11
C THR B 336 -9.60 -4.36 -1.75
N PHE B 337 -8.60 -3.90 -2.48
CA PHE B 337 -7.20 -4.31 -2.30
C PHE B 337 -6.33 -3.27 -1.61
N PHE B 338 -5.41 -3.73 -0.78
CA PHE B 338 -4.42 -2.87 -0.14
C PHE B 338 -3.04 -3.48 -0.31
N GLY B 339 -1.99 -2.67 -0.26
CA GLY B 339 -0.63 -3.17 -0.44
C GLY B 339 0.29 -2.71 0.67
N LEU B 340 1.43 -3.37 0.83
CA LEU B 340 2.44 -2.96 1.80
C LEU B 340 3.81 -3.41 1.29
N THR B 341 4.79 -2.51 1.28
CA THR B 341 6.15 -2.91 0.97
C THR B 341 6.88 -3.05 2.29
N ALA B 342 7.35 -4.26 2.56
CA ALA B 342 8.03 -4.55 3.81
C ALA B 342 9.52 -4.61 3.59
N HIS B 343 10.25 -3.73 4.25
CA HIS B 343 11.68 -3.87 4.24
C HIS B 343 12.11 -4.38 5.58
N TYR B 344 12.73 -5.56 5.60
CA TYR B 344 13.04 -6.17 6.86
C TYR B 344 14.36 -5.70 7.42
N THR B 345 14.54 -4.39 7.52
CA THR B 345 15.73 -3.82 8.16
C THR B 345 16.29 -4.68 9.29
N ASP B 346 17.57 -5.02 9.18
CA ASP B 346 18.24 -5.75 10.24
C ASP B 346 19.01 -4.79 11.14
N ALA B 347 18.55 -4.58 12.37
CA ALA B 347 19.37 -3.87 13.37
C ALA B 347 19.92 -4.89 14.34
N PRO B 348 20.90 -4.48 15.15
CA PRO B 348 21.33 -5.39 16.21
C PRO B 348 20.22 -5.54 17.24
N GLY B 349 19.90 -6.77 17.58
CA GLY B 349 18.83 -7.07 18.52
C GLY B 349 17.56 -7.53 17.84
N THR B 350 17.53 -7.37 16.51
CA THR B 350 16.36 -7.73 15.74
C THR B 350 16.28 -9.23 15.53
N LEU B 351 15.14 -9.82 15.89
CA LEU B 351 14.95 -11.26 15.80
C LEU B 351 14.26 -11.69 14.49
N ASP B 352 13.17 -11.00 14.16
CA ASP B 352 12.45 -11.23 12.91
C ASP B 352 11.32 -10.20 12.77
N TYR B 353 10.39 -10.48 11.86
CA TYR B 353 9.23 -9.62 11.62
C TYR B 353 7.95 -10.44 11.51
N HIS B 354 6.83 -9.84 11.90
CA HIS B 354 5.52 -10.42 11.66
C HIS B 354 4.74 -9.48 10.75
N ALA B 355 3.73 -10.01 10.10
CA ALA B 355 2.80 -9.16 9.35
C ALA B 355 1.41 -9.23 10.00
N LEU B 356 0.70 -8.10 10.04
CA LEU B 356 -0.61 -8.07 10.67
C LEU B 356 -1.57 -7.09 9.99
N GLY B 357 -2.78 -7.58 9.70
CA GLY B 357 -3.86 -6.70 9.25
C GLY B 357 -4.95 -6.57 10.29
N LEU B 358 -5.35 -5.33 10.59
CA LEU B 358 -6.46 -5.10 11.52
C LEU B 358 -7.50 -4.22 10.85
N VAL B 359 -8.77 -4.58 11.04
CA VAL B 359 -9.87 -3.79 10.49
C VAL B 359 -10.94 -3.61 11.56
N TYR B 360 -11.43 -2.38 11.67
CA TYR B 360 -12.47 -2.01 12.62
C TYR B 360 -13.60 -1.39 11.82
N ALA B 361 -14.84 -1.73 12.15
CA ALA B 361 -15.98 -1.32 11.34
C ALA B 361 -17.32 -1.44 12.06
N TYR B 362 -18.32 -0.75 11.51
CA TYR B 362 -19.66 -0.76 12.07
C TYR B 362 -20.60 -1.54 11.19
N VAL B 363 -21.35 -2.44 11.82
CA VAL B 363 -22.52 -3.01 11.19
C VAL B 363 -23.72 -2.16 11.56
N GLU B 364 -24.32 -1.51 10.57
CA GLU B 364 -25.42 -0.56 10.81
C GLU B 364 -26.75 -1.27 10.66
N ARG B 365 -27.40 -1.47 11.78
CA ARG B 365 -28.64 -2.21 11.87
C ARG B 365 -29.81 -1.31 11.43
N ASP B 366 -30.88 -1.90 10.92
CA ASP B 366 -32.00 -1.12 10.43
C ASP B 366 -32.62 -0.22 11.49
N ASP B 367 -32.50 -0.58 12.76
CA ASP B 367 -33.06 0.24 13.83
C ASP B 367 -32.16 1.39 14.24
N GLY B 368 -31.01 1.53 13.62
CA GLY B 368 -30.15 2.69 13.87
C GLY B 368 -28.92 2.38 14.71
N VAL B 369 -28.97 1.26 15.42
CA VAL B 369 -27.85 0.82 16.27
C VAL B 369 -26.63 0.42 15.43
N LYS B 370 -25.45 0.78 15.88
CA LYS B 370 -24.24 0.46 15.16
C LYS B 370 -23.42 -0.55 15.93
N ILE B 371 -23.22 -1.73 15.35
CA ILE B 371 -22.48 -2.76 16.05
C ILE B 371 -21.07 -2.77 15.50
N PRO B 372 -20.09 -2.43 16.36
CA PRO B 372 -18.70 -2.41 15.91
C PRO B 372 -18.14 -3.81 15.85
N ILE B 373 -17.33 -4.08 14.84
CA ILE B 373 -16.72 -5.37 14.70
C ILE B 373 -15.28 -5.17 14.30
N TRP B 374 -14.47 -6.20 14.48
CA TRP B 374 -13.06 -6.11 14.15
C TRP B 374 -12.61 -7.43 13.57
N LEU B 375 -11.48 -7.40 12.85
CA LEU B 375 -10.85 -8.59 12.31
C LEU B 375 -9.34 -8.41 12.37
N ALA B 376 -8.65 -9.47 12.83
CA ALA B 376 -7.21 -9.50 12.84
C ALA B 376 -6.84 -10.65 11.94
N ALA B 377 -5.95 -10.40 10.99
CA ALA B 377 -5.47 -11.44 10.12
C ALA B 377 -3.95 -11.39 10.11
N GLU B 378 -3.31 -12.52 10.42
CA GLU B 378 -1.86 -12.58 10.33
C GLU B 378 -1.39 -13.58 9.28
N PRO B 379 -0.78 -13.08 8.19
CA PRO B 379 -0.21 -13.98 7.20
C PRO B 379 0.84 -14.85 7.87
N MSE B 380 0.80 -16.16 7.65
CA MSE B 380 1.70 -17.08 8.34
C MSE B 380 3.10 -17.07 7.74
O MSE B 380 3.63 -18.12 7.37
CB MSE B 380 1.11 -18.48 8.34
CG MSE B 380 -0.13 -18.66 9.18
SE MSE B 380 0.30 -18.28 10.99
CE MSE B 380 -0.66 -19.78 11.73
N ILE B 381 3.71 -15.91 7.64
CA ILE B 381 5.03 -15.78 7.05
C ILE B 381 6.11 -16.04 8.09
N SER B 382 7.33 -16.23 7.61
CA SER B 382 8.48 -16.30 8.49
C SER B 382 9.61 -15.51 7.87
N VAL B 383 10.27 -14.71 8.69
CA VAL B 383 11.42 -13.97 8.20
C VAL B 383 12.68 -14.73 8.55
N LEU B 384 13.39 -15.20 7.53
CA LEU B 384 14.63 -15.96 7.72
C LEU B 384 15.86 -15.06 7.84
N SER B 385 16.90 -15.57 8.49
CA SER B 385 18.15 -14.82 8.63
C SER B 385 19.16 -15.41 7.68
N ASN B 386 20.20 -14.64 7.36
CA ASN B 386 21.24 -15.13 6.46
C ASN B 386 22.08 -16.26 7.07
N THR B 387 21.70 -17.49 6.75
CA THR B 387 22.58 -18.61 6.95
C THR B 387 23.40 -18.66 5.67
N TYR B 388 24.43 -19.49 5.63
CA TYR B 388 25.27 -19.52 4.45
C TYR B 388 25.02 -20.75 3.60
N THR B 389 24.22 -20.57 2.56
CA THR B 389 23.89 -21.68 1.69
C THR B 389 25.21 -22.25 1.21
N VAL B 390 25.39 -23.55 1.41
CA VAL B 390 26.55 -24.23 0.88
C VAL B 390 26.34 -24.60 -0.59
N MSE B 391 25.13 -25.05 -0.93
CA MSE B 391 24.89 -25.61 -2.25
C MSE B 391 24.16 -24.65 -3.18
O MSE B 391 23.04 -24.92 -3.62
CB MSE B 391 24.10 -26.89 -2.11
CG MSE B 391 24.55 -27.71 -0.94
SE MSE B 391 24.51 -29.59 -1.32
CE MSE B 391 25.10 -29.53 -3.18
N LYS B 392 24.82 -23.53 -3.49
CA LYS B 392 24.25 -22.52 -4.34
C LYS B 392 23.92 -23.09 -5.73
N ASP B 393 22.89 -22.54 -6.37
CA ASP B 393 22.45 -23.11 -7.64
C ASP B 393 23.61 -23.17 -8.61
N GLN B 394 24.58 -22.29 -8.42
CA GLN B 394 25.71 -22.17 -9.32
C GLN B 394 26.64 -23.35 -9.20
N ASP B 395 26.84 -23.80 -7.97
CA ASP B 395 27.77 -24.88 -7.68
C ASP B 395 27.20 -26.21 -8.12
N VAL B 396 25.90 -26.35 -7.97
CA VAL B 396 25.20 -27.55 -8.40
C VAL B 396 25.33 -27.76 -9.90
N LYS B 397 24.97 -26.73 -10.67
CA LYS B 397 25.07 -26.80 -12.13
C LYS B 397 26.46 -27.21 -12.52
N ASN B 398 27.42 -26.86 -11.67
CA ASN B 398 28.80 -27.14 -11.93
C ASN B 398 29.13 -28.63 -11.77
N LEU B 399 28.95 -29.14 -10.55
CA LEU B 399 29.12 -30.56 -10.27
C LEU B 399 28.48 -31.43 -11.34
N ILE B 400 27.34 -30.98 -11.84
CA ILE B 400 26.66 -31.69 -12.90
C ILE B 400 27.46 -31.62 -14.20
N ASP B 401 28.04 -30.46 -14.48
CA ASP B 401 28.80 -30.28 -15.71
C ASP B 401 30.10 -31.04 -15.59
N LEU B 402 30.71 -31.00 -14.40
CA LEU B 402 31.85 -31.84 -14.11
C LEU B 402 31.51 -33.27 -14.53
N TYR B 403 30.41 -33.77 -13.99
CA TYR B 403 29.96 -35.13 -14.23
C TYR B 403 29.71 -35.43 -15.71
N LYS B 404 29.03 -34.54 -16.42
CA LYS B 404 28.88 -34.73 -17.84
C LYS B 404 30.20 -34.56 -18.59
N LYS B 405 31.27 -34.33 -17.82
CA LYS B 405 32.63 -34.27 -18.33
C LYS B 405 33.44 -35.37 -17.65
N LYS B 406 32.72 -36.18 -16.87
CA LYS B 406 33.29 -37.36 -16.24
C LYS B 406 34.57 -37.01 -15.49
N ASP B 407 34.75 -35.74 -15.18
CA ASP B 407 35.92 -35.30 -14.42
C ASP B 407 35.83 -35.73 -12.95
N ARG B 408 35.92 -37.03 -12.72
CA ARG B 408 35.74 -37.56 -11.37
C ARG B 408 36.70 -36.88 -10.39
N GLU B 409 37.75 -36.28 -10.92
CA GLU B 409 38.75 -35.66 -10.05
C GLU B 409 38.18 -34.45 -9.32
N LYS B 410 37.68 -33.48 -10.09
CA LYS B 410 37.08 -32.25 -9.54
C LYS B 410 35.81 -32.57 -8.75
N ILE B 411 34.98 -33.46 -9.29
CA ILE B 411 33.76 -33.85 -8.60
C ILE B 411 33.99 -34.24 -7.13
N ASN B 412 35.05 -34.99 -6.86
CA ASN B 412 35.43 -35.31 -5.47
C ASN B 412 35.98 -34.05 -4.83
N ALA B 413 36.68 -33.26 -5.63
CA ALA B 413 37.34 -32.06 -5.16
C ALA B 413 36.33 -31.07 -4.60
N THR B 414 35.31 -30.77 -5.41
CA THR B 414 34.25 -29.84 -5.01
C THR B 414 33.50 -30.37 -3.78
N THR B 415 32.94 -31.56 -3.92
CA THR B 415 32.24 -32.25 -2.86
C THR B 415 32.89 -32.09 -1.50
N LYS B 416 34.18 -32.40 -1.47
CA LYS B 416 34.92 -32.36 -0.21
C LYS B 416 34.86 -30.98 0.43
N ALA B 417 34.85 -29.94 -0.41
CA ALA B 417 34.74 -28.59 0.08
C ALA B 417 33.40 -28.42 0.80
N MSE B 418 32.32 -28.69 0.08
CA MSE B 418 30.95 -28.61 0.60
C MSE B 418 30.78 -29.33 1.92
O MSE B 418 30.29 -28.76 2.90
CB MSE B 418 29.98 -29.20 -0.42
CG MSE B 418 29.70 -28.25 -1.55
SE MSE B 418 28.95 -29.21 -3.04
CE MSE B 418 28.51 -27.72 -4.23
N ILE B 419 31.17 -30.59 1.94
CA ILE B 419 31.06 -31.40 3.14
C ILE B 419 31.69 -30.66 4.32
N ASN B 420 32.66 -29.81 4.01
CA ASN B 420 33.43 -29.12 5.04
C ASN B 420 32.73 -27.89 5.58
N SER B 421 32.19 -27.09 4.68
CA SER B 421 31.35 -25.98 5.08
C SER B 421 30.21 -26.56 5.90
N LEU B 422 29.45 -27.49 5.31
CA LEU B 422 28.40 -28.16 6.05
C LEU B 422 28.85 -28.51 7.46
N GLN B 423 30.03 -29.09 7.56
CA GLN B 423 30.57 -29.45 8.86
C GLN B 423 30.59 -28.24 9.82
N GLU B 424 30.91 -27.07 9.29
CA GLU B 424 31.03 -25.88 10.12
C GLU B 424 29.67 -25.43 10.59
N LYS B 425 28.69 -25.51 9.69
CA LYS B 425 27.30 -25.26 10.04
C LYS B 425 26.92 -26.20 11.16
N ILE B 426 27.26 -27.48 10.99
CA ILE B 426 26.92 -28.47 12.01
C ILE B 426 27.46 -28.04 13.37
N ASP B 427 28.53 -27.25 13.33
CA ASP B 427 29.15 -26.75 14.57
C ASP B 427 28.32 -25.66 15.23
N GLU B 428 27.80 -24.73 14.43
CA GLU B 428 26.93 -23.66 14.93
C GLU B 428 25.72 -24.31 15.64
N ALA B 429 25.14 -25.28 14.94
CA ALA B 429 24.03 -26.04 15.48
C ALA B 429 24.36 -26.58 16.87
N GLU B 430 25.60 -27.01 17.06
CA GLU B 430 26.01 -27.63 18.31
C GLU B 430 26.05 -26.60 19.43
N GLN B 431 26.65 -25.45 19.12
CA GLN B 431 26.71 -24.34 20.06
C GLN B 431 25.31 -23.84 20.37
N LEU B 432 24.43 -23.92 19.37
CA LEU B 432 23.03 -23.56 19.56
C LEU B 432 22.37 -24.54 20.51
N LEU B 433 22.48 -25.82 20.19
CA LEU B 433 21.95 -26.89 21.04
C LEU B 433 22.56 -26.79 22.44
N ALA B 434 23.79 -26.32 22.52
CA ALA B 434 24.43 -26.07 23.79
C ALA B 434 23.60 -25.11 24.63
N LYS B 435 23.41 -23.90 24.09
CA LYS B 435 22.72 -22.84 24.81
C LYS B 435 21.28 -23.22 25.11
N ALA B 436 20.65 -23.99 24.22
CA ALA B 436 19.26 -24.42 24.42
C ALA B 436 19.11 -25.27 25.70
N LYS B 437 20.03 -26.22 25.89
CA LYS B 437 20.03 -27.04 27.11
C LYS B 437 20.30 -26.12 28.31
N GLY B 438 21.21 -25.17 28.11
CA GLY B 438 21.52 -24.20 29.14
C GLY B 438 20.32 -23.38 29.60
N MSE B 439 19.22 -23.44 28.84
CA MSE B 439 18.03 -22.64 29.19
C MSE B 439 16.84 -23.53 29.48
O MSE B 439 15.77 -23.03 29.81
CB MSE B 439 17.66 -21.69 28.05
CG MSE B 439 18.82 -20.86 27.55
SE MSE B 439 19.35 -19.52 28.84
CE MSE B 439 21.07 -19.02 28.04
N ASN B 440 17.01 -24.83 29.37
CA ASN B 440 15.90 -25.76 29.50
C ASN B 440 14.77 -25.37 28.56
N ASN B 441 15.13 -24.83 27.40
CA ASN B 441 14.14 -24.60 26.35
C ASN B 441 13.90 -25.88 25.55
N GLU B 442 12.91 -26.67 25.97
CA GLU B 442 12.59 -27.95 25.35
C GLU B 442 12.54 -27.89 23.82
N ASN B 443 11.77 -26.94 23.30
CA ASN B 443 11.67 -26.77 21.86
C ASN B 443 13.03 -26.52 21.26
N ALA B 444 13.64 -25.40 21.62
CA ALA B 444 14.97 -25.04 21.14
C ALA B 444 15.84 -26.29 21.01
N ILE B 445 16.03 -26.98 22.13
CA ILE B 445 16.74 -28.25 22.14
C ILE B 445 16.38 -29.14 20.95
N GLU B 446 15.10 -29.43 20.80
CA GLU B 446 14.66 -30.33 19.75
C GLU B 446 14.95 -29.79 18.33
N TYR B 447 14.75 -28.48 18.13
CA TYR B 447 15.05 -27.85 16.84
C TYR B 447 16.53 -27.89 16.51
N ALA B 448 17.35 -27.59 17.52
CA ALA B 448 18.80 -27.60 17.33
C ALA B 448 19.24 -28.99 16.92
N GLN B 449 18.78 -29.99 17.68
CA GLN B 449 19.10 -31.36 17.37
C GLN B 449 18.62 -31.68 15.97
N GLY B 450 17.51 -31.07 15.58
CA GLY B 450 16.94 -31.29 14.26
C GLY B 450 17.88 -30.81 13.16
N ALA B 451 18.43 -29.61 13.38
CA ALA B 451 19.35 -29.01 12.43
C ALA B 451 20.56 -29.90 12.26
N ILE B 452 21.19 -30.24 13.38
CA ILE B 452 22.37 -31.10 13.37
C ILE B 452 22.14 -32.32 12.47
N ASP B 453 21.04 -33.01 12.71
CA ASP B 453 20.75 -34.22 11.98
C ASP B 453 20.58 -33.97 10.49
N GLU B 454 19.96 -32.86 10.13
CA GLU B 454 19.68 -32.57 8.71
C GLU B 454 20.96 -32.34 7.92
N TYR B 455 21.84 -31.54 8.50
CA TYR B 455 23.11 -31.25 7.89
C TYR B 455 23.92 -32.55 7.69
N LYS B 456 23.98 -33.36 8.74
CA LYS B 456 24.67 -34.65 8.65
C LYS B 456 24.12 -35.46 7.49
N ALA B 457 22.80 -35.50 7.41
CA ALA B 457 22.13 -36.20 6.33
C ALA B 457 22.57 -35.71 4.97
N ALA B 458 22.78 -34.40 4.85
CA ALA B 458 23.16 -33.80 3.56
C ALA B 458 24.56 -34.26 3.16
N ILE B 459 25.48 -34.24 4.12
CA ILE B 459 26.82 -34.81 3.97
C ILE B 459 26.73 -36.24 3.47
N ASN B 460 26.02 -37.07 4.23
CA ASN B 460 25.86 -38.45 3.84
C ASN B 460 25.49 -38.55 2.37
N ASP B 461 24.62 -37.66 1.92
CA ASP B 461 24.14 -37.68 0.54
C ASP B 461 25.17 -37.17 -0.43
N LEU B 462 25.98 -36.22 0.01
CA LEU B 462 27.06 -35.73 -0.82
C LEU B 462 28.03 -36.88 -1.09
N GLN B 463 28.31 -37.65 -0.05
CA GLN B 463 29.19 -38.80 -0.15
C GLN B 463 28.67 -39.83 -1.13
N LYS B 464 27.42 -40.25 -0.95
CA LYS B 464 26.85 -41.25 -1.86
C LYS B 464 26.93 -40.75 -3.30
N ALA B 465 26.78 -39.44 -3.46
CA ALA B 465 26.68 -38.84 -4.79
C ALA B 465 27.99 -38.90 -5.56
N ALA B 466 29.09 -38.58 -4.87
CA ALA B 466 30.42 -38.67 -5.46
C ALA B 466 30.67 -40.08 -5.99
N GLN B 467 30.02 -41.07 -5.37
CA GLN B 467 30.23 -42.47 -5.72
C GLN B 467 29.31 -43.02 -6.79
N GLN B 468 28.48 -42.19 -7.41
CA GLN B 468 27.52 -42.73 -8.37
C GLN B 468 28.07 -42.70 -9.78
N ASP B 469 27.54 -43.56 -10.63
CA ASP B 469 27.80 -43.45 -12.05
C ASP B 469 26.54 -43.71 -12.84
N ASP B 470 25.42 -43.75 -12.13
CA ASP B 470 24.14 -43.52 -12.78
C ASP B 470 23.88 -42.04 -12.64
N TYR B 471 23.68 -41.38 -13.78
CA TYR B 471 23.40 -39.96 -13.82
C TYR B 471 22.23 -39.63 -12.90
N GLN B 472 21.09 -40.27 -13.12
CA GLN B 472 19.90 -40.02 -12.33
C GLN B 472 20.15 -40.21 -10.84
N MSE B 473 21.04 -41.13 -10.52
CA MSE B 473 21.33 -41.40 -9.13
C MSE B 473 22.10 -40.25 -8.52
O MSE B 473 21.84 -39.82 -7.41
CB MSE B 473 22.10 -42.72 -9.00
CG MSE B 473 21.20 -43.93 -9.26
SE MSE B 473 19.49 -43.85 -8.26
CE MSE B 473 20.18 -43.41 -6.49
N PHE B 474 23.06 -39.75 -9.30
CA PHE B 474 23.86 -38.59 -8.94
C PHE B 474 22.93 -37.42 -8.63
N LEU B 475 22.06 -37.12 -9.59
CA LEU B 475 21.05 -36.08 -9.44
C LEU B 475 20.18 -36.26 -8.19
N ASN B 476 19.79 -37.49 -7.90
CA ASN B 476 18.95 -37.76 -6.76
C ASN B 476 19.65 -37.47 -5.45
N TYR B 477 20.89 -37.92 -5.34
CA TYR B 477 21.57 -37.77 -4.07
C TYR B 477 21.94 -36.31 -3.85
N LEU B 478 22.27 -35.66 -4.96
CA LEU B 478 22.55 -34.24 -4.98
C LEU B 478 21.33 -33.45 -4.50
N ASN B 479 20.21 -33.68 -5.17
CA ASN B 479 18.97 -33.02 -4.80
C ASN B 479 18.56 -33.34 -3.39
N ALA B 480 18.71 -34.61 -3.01
CA ALA B 480 18.50 -35.01 -1.64
C ALA B 480 19.31 -34.10 -0.75
N ALA B 481 20.54 -33.83 -1.17
CA ALA B 481 21.49 -33.09 -0.36
C ALA B 481 21.05 -31.66 -0.08
N LYS B 482 20.66 -30.91 -1.13
CA LYS B 482 20.22 -29.52 -0.90
C LYS B 482 18.95 -29.42 -0.05
N LYS B 483 17.95 -30.24 -0.37
CA LYS B 483 16.75 -30.24 0.46
C LYS B 483 17.12 -30.42 1.93
N HIS B 484 18.00 -31.36 2.24
CA HIS B 484 18.44 -31.50 3.63
C HIS B 484 19.11 -30.24 4.16
N GLU B 485 19.91 -29.58 3.34
CA GLU B 485 20.56 -28.35 3.79
C GLU B 485 19.49 -27.33 4.10
N MSE B 486 18.55 -27.18 3.18
CA MSE B 486 17.41 -26.28 3.36
C MSE B 486 16.68 -26.59 4.67
O MSE B 486 16.30 -25.66 5.40
CB MSE B 486 16.44 -26.36 2.17
CG MSE B 486 16.90 -25.71 0.87
SE MSE B 486 15.95 -26.55 -0.58
CE MSE B 486 16.16 -25.25 -1.96
N ALA B 487 16.46 -27.86 4.97
CA ALA B 487 15.72 -28.23 6.19
C ALA B 487 16.49 -27.86 7.44
N GLY B 488 17.78 -28.14 7.43
CA GLY B 488 18.64 -27.74 8.53
C GLY B 488 18.57 -26.24 8.72
N ASP B 489 18.65 -25.51 7.62
CA ASP B 489 18.58 -24.05 7.67
C ASP B 489 17.32 -23.58 8.36
N TYR B 490 16.17 -24.14 7.97
CA TYR B 490 14.91 -23.84 8.66
C TYR B 490 15.06 -24.12 10.15
N TYR B 491 15.62 -25.28 10.47
CA TYR B 491 15.78 -25.71 11.86
C TYR B 491 16.61 -24.77 12.71
N VAL B 492 17.66 -24.19 12.14
CA VAL B 492 18.50 -23.29 12.93
C VAL B 492 17.76 -21.96 13.16
N ASN B 493 16.95 -21.57 12.18
CA ASN B 493 16.04 -20.45 12.34
C ASN B 493 15.03 -20.74 13.44
N ALA B 494 14.45 -21.93 13.41
CA ALA B 494 13.49 -22.31 14.43
C ALA B 494 14.09 -22.19 15.83
N ALA B 495 15.26 -22.79 16.00
CA ALA B 495 15.89 -22.83 17.32
C ALA B 495 16.23 -21.42 17.78
N ARG B 496 16.74 -20.61 16.86
CA ARG B 496 17.07 -19.23 17.21
C ARG B 496 15.83 -18.45 17.65
N LYS B 497 14.74 -18.62 16.91
CA LYS B 497 13.47 -17.99 17.31
C LYS B 497 12.94 -18.50 18.64
N ALA B 498 13.04 -19.80 18.88
CA ALA B 498 12.60 -20.39 20.16
C ALA B 498 13.31 -19.79 21.37
N LEU B 499 14.64 -19.66 21.27
CA LEU B 499 15.42 -19.11 22.37
C LEU B 499 15.07 -17.66 22.64
N ASN B 500 14.84 -16.88 21.59
CA ASN B 500 14.65 -15.44 21.78
C ASN B 500 13.22 -14.96 21.95
N GLY B 501 12.30 -15.84 22.30
CA GLY B 501 10.94 -15.41 22.58
C GLY B 501 10.06 -15.13 21.38
N ASP B 502 10.11 -16.02 20.38
CA ASP B 502 9.13 -16.02 19.30
C ASP B 502 8.78 -17.46 18.96
N LEU B 503 8.00 -18.07 19.85
CA LEU B 503 7.75 -19.49 19.77
C LEU B 503 6.83 -19.84 18.62
N GLU B 504 6.06 -18.84 18.17
CA GLU B 504 5.07 -19.09 17.14
C GLU B 504 5.73 -19.23 15.80
N GLN B 505 6.56 -18.27 15.45
CA GLN B 505 7.25 -18.32 14.17
C GLN B 505 8.24 -19.47 14.11
N ALA B 506 8.84 -19.77 15.26
CA ALA B 506 9.75 -20.90 15.35
C ALA B 506 9.01 -22.18 14.95
N LYS B 507 7.78 -22.33 15.41
CA LYS B 507 6.98 -23.48 15.04
C LYS B 507 6.76 -23.56 13.54
N ILE B 508 6.61 -22.39 12.91
CA ILE B 508 6.36 -22.31 11.48
C ILE B 508 7.57 -22.83 10.72
N ASP B 509 8.75 -22.39 11.14
CA ASP B 509 9.98 -22.86 10.53
C ASP B 509 10.16 -24.35 10.76
N ALA B 510 9.83 -24.81 11.97
CA ALA B 510 9.91 -26.22 12.30
C ALA B 510 9.10 -27.04 11.31
N GLU B 511 7.91 -26.56 11.00
CA GLU B 511 7.06 -27.29 10.09
C GLU B 511 7.70 -27.37 8.71
N LYS B 512 8.30 -26.27 8.27
CA LYS B 512 8.93 -26.23 6.96
C LYS B 512 10.11 -27.17 6.93
N ALA B 513 10.84 -27.19 8.04
CA ALA B 513 11.98 -28.07 8.21
C ALA B 513 11.54 -29.51 7.93
N LYS B 514 10.56 -29.98 8.70
CA LYS B 514 10.07 -31.33 8.58
C LYS B 514 9.67 -31.61 7.14
N GLU B 515 9.00 -30.64 6.52
CA GLU B 515 8.49 -30.85 5.16
C GLU B 515 9.61 -31.02 4.14
N TYR B 516 10.56 -30.08 4.14
CA TYR B 516 11.68 -30.16 3.21
C TYR B 516 12.50 -31.42 3.46
N SER B 517 12.55 -31.83 4.71
CA SER B 517 13.18 -33.10 5.08
C SER B 517 12.50 -34.29 4.41
N ASN B 518 11.19 -34.40 4.56
CA ASN B 518 10.48 -35.49 3.93
C ASN B 518 10.63 -35.45 2.41
N LEU B 519 10.81 -34.25 1.86
CA LEU B 519 10.92 -34.13 0.41
C LEU B 519 12.24 -34.77 0.02
N ALA B 520 13.29 -34.37 0.73
CA ALA B 520 14.62 -34.92 0.55
C ALA B 520 14.61 -36.45 0.50
N LYS B 521 13.92 -37.06 1.47
CA LYS B 521 13.84 -38.51 1.56
C LYS B 521 13.17 -39.13 0.33
N GLU B 522 12.24 -38.44 -0.29
CA GLU B 522 11.68 -38.93 -1.55
C GLU B 522 12.77 -39.32 -2.55
N TYR B 523 14.00 -38.83 -2.35
CA TYR B 523 15.08 -39.03 -3.32
C TYR B 523 16.13 -40.05 -2.86
N GLU B 524 16.17 -40.33 -1.56
CA GLU B 524 17.04 -41.39 -1.03
C GLU B 524 16.35 -42.77 -1.09
N PRO B 525 17.04 -43.75 -1.71
CA PRO B 525 16.64 -45.15 -1.80
C PRO B 525 15.82 -45.66 -0.64
#